data_4IYL
# 
_entry.id   4IYL 
# 
_audit_conform.dict_name       mmcif_pdbx.dic 
_audit_conform.dict_version    5.379 
_audit_conform.dict_location   http://mmcif.pdb.org/dictionaries/ascii/mmcif_pdbx.dic 
# 
loop_
_database_2.database_id 
_database_2.database_code 
_database_2.pdbx_database_accession 
_database_2.pdbx_DOI 
PDB   4IYL         pdb_00004iyl 10.2210/pdb4iyl/pdb 
RCSB  RCSB077372   ?            ?                   
WWPDB D_1000077372 ?            ?                   
# 
_pdbx_database_PDB_obs_spr.id               SPRSDE 
_pdbx_database_PDB_obs_spr.date             2013-02-06 
_pdbx_database_PDB_obs_spr.pdb_id           4IYL 
_pdbx_database_PDB_obs_spr.replace_pdb_id   3ULW 
_pdbx_database_PDB_obs_spr.details          ? 
# 
_pdbx_database_related.db_name        TargetTrack 
_pdbx_database_related.db_id          CSGID-IDP90515 
_pdbx_database_related.details        . 
_pdbx_database_related.content_type   unspecified 
# 
_pdbx_database_status.entry_id                        4IYL 
_pdbx_database_status.status_code                     REL 
_pdbx_database_status.deposit_site                    RCSB 
_pdbx_database_status.process_site                    RCSB 
_pdbx_database_status.recvd_initial_deposition_date   2013-01-28 
_pdbx_database_status.status_code_sf                  REL 
_pdbx_database_status.status_code_mr                  ? 
_pdbx_database_status.SG_entry                        Y 
_pdbx_database_status.status_code_cs                  ? 
_pdbx_database_status.methods_development_category    ? 
_pdbx_database_status.pdb_format_compatible           Y 
_pdbx_database_status.status_code_nmr_data            ? 
# 
loop_
_audit_author.name 
_audit_author.pdbx_ordinal 
'Osipiuk, J.'                                                   1 
'Nocek, B.'                                                     2 
'Gu, M.'                                                        3 
'Kwon, K.'                                                      4 
'Anderson, W.F.'                                                5 
'Joachimiak, A.'                                                6 
'Center for Structural Genomics of Infectious Diseases (CSGID)' 7 
# 
_citation.id                        primary 
_citation.title                     '30S ribosomal protein S15 from Campylobacter jejuni' 
_citation.journal_abbrev            'To be Published' 
_citation.journal_volume            ? 
_citation.page_first                ? 
_citation.page_last                 ? 
_citation.year                      ? 
_citation.journal_id_ASTM           ? 
_citation.country                   ? 
_citation.journal_id_ISSN           ? 
_citation.journal_id_CSD            0353 
_citation.book_publisher            ? 
_citation.pdbx_database_id_PubMed   ? 
_citation.pdbx_database_id_DOI      ? 
# 
loop_
_citation_author.citation_id 
_citation_author.name 
_citation_author.ordinal 
_citation_author.identifier_ORCID 
primary 'Osipiuk, J.'    1 ? 
primary 'Nocek, B.'      2 ? 
primary 'Gu, M.'         3 ? 
primary 'Kwon, K.'       4 ? 
primary 'Anderson, W.F.' 5 ? 
primary 'Joachimiak, A.' 6 ? 
# 
_cell.length_a           43.239 
_cell.length_b           58.626 
_cell.length_c           115.874 
_cell.angle_alpha        90.000 
_cell.angle_beta         90.000 
_cell.angle_gamma        90.000 
_cell.entry_id           4IYL 
_cell.pdbx_unique_axis   ? 
_cell.Z_PDB              8 
_cell.length_a_esd       ? 
_cell.length_b_esd       ? 
_cell.length_c_esd       ? 
_cell.angle_alpha_esd    ? 
_cell.angle_beta_esd     ? 
_cell.angle_gamma_esd    ? 
# 
_symmetry.space_group_name_H-M             'I 2 2 2' 
_symmetry.entry_id                         4IYL 
_symmetry.Int_Tables_number                23 
_symmetry.pdbx_full_space_group_name_H-M   ? 
_symmetry.cell_setting                     ? 
_symmetry.space_group_name_Hall            ? 
# 
loop_
_entity.id 
_entity.type 
_entity.src_method 
_entity.pdbx_description 
_entity.formula_weight 
_entity.pdbx_number_of_molecules 
_entity.pdbx_ec 
_entity.pdbx_mutation 
_entity.pdbx_fragment 
_entity.details 
1 polymer man '30S ribosomal protein S15' 10519.337 1 ? ? ? ? 
2 water   nat water                       18.015    4 ? ? ? ? 
# 
_entity_poly.entity_id                      1 
_entity_poly.type                           'polypeptide(L)' 
_entity_poly.nstd_linkage                   no 
_entity_poly.nstd_monomer                   no 
_entity_poly.pdbx_seq_one_letter_code       
;SNAMALDSAKKAEIVAKFAKKPGDTGSTEVQVALLTARIAELTEHLKIYKKDFSSRLGLLKLVGQRKRLLSYLKRKDYNS
YSKLITELNLRDK
;
_entity_poly.pdbx_seq_one_letter_code_can   
;SNAMALDSAKKAEIVAKFAKKPGDTGSTEVQVALLTARIAELTEHLKIYKKDFSSRLGLLKLVGQRKRLLSYLKRKDYNS
YSKLITELNLRDK
;
_entity_poly.pdbx_strand_id                 A 
_entity_poly.pdbx_target_identifier         CSGID-IDP90515 
# 
loop_
_entity_poly_seq.entity_id 
_entity_poly_seq.num 
_entity_poly_seq.mon_id 
_entity_poly_seq.hetero 
1 1  SER n 
1 2  ASN n 
1 3  ALA n 
1 4  MET n 
1 5  ALA n 
1 6  LEU n 
1 7  ASP n 
1 8  SER n 
1 9  ALA n 
1 10 LYS n 
1 11 LYS n 
1 12 ALA n 
1 13 GLU n 
1 14 ILE n 
1 15 VAL n 
1 16 ALA n 
1 17 LYS n 
1 18 PHE n 
1 19 ALA n 
1 20 LYS n 
1 21 LYS n 
1 22 PRO n 
1 23 GLY n 
1 24 ASP n 
1 25 THR n 
1 26 GLY n 
1 27 SER n 
1 28 THR n 
1 29 GLU n 
1 30 VAL n 
1 31 GLN n 
1 32 VAL n 
1 33 ALA n 
1 34 LEU n 
1 35 LEU n 
1 36 THR n 
1 37 ALA n 
1 38 ARG n 
1 39 ILE n 
1 40 ALA n 
1 41 GLU n 
1 42 LEU n 
1 43 THR n 
1 44 GLU n 
1 45 HIS n 
1 46 LEU n 
1 47 LYS n 
1 48 ILE n 
1 49 TYR n 
1 50 LYS n 
1 51 LYS n 
1 52 ASP n 
1 53 PHE n 
1 54 SER n 
1 55 SER n 
1 56 ARG n 
1 57 LEU n 
1 58 GLY n 
1 59 LEU n 
1 60 LEU n 
1 61 LYS n 
1 62 LEU n 
1 63 VAL n 
1 64 GLY n 
1 65 GLN n 
1 66 ARG n 
1 67 LYS n 
1 68 ARG n 
1 69 LEU n 
1 70 LEU n 
1 71 SER n 
1 72 TYR n 
1 73 LEU n 
1 74 LYS n 
1 75 ARG n 
1 76 LYS n 
1 77 ASP n 
1 78 TYR n 
1 79 ASN n 
1 80 SER n 
1 81 TYR n 
1 82 SER n 
1 83 LYS n 
1 84 LEU n 
1 85 ILE n 
1 86 THR n 
1 87 GLU n 
1 88 LEU n 
1 89 ASN n 
1 90 LEU n 
1 91 ARG n 
1 92 ASP n 
1 93 LYS n 
# 
_entity_src_gen.entity_id                          1 
_entity_src_gen.pdbx_src_id                        1 
_entity_src_gen.pdbx_alt_source_flag               sample 
_entity_src_gen.pdbx_seq_type                      ? 
_entity_src_gen.pdbx_beg_seq_num                   ? 
_entity_src_gen.pdbx_end_seq_num                   ? 
_entity_src_gen.gene_src_common_name               ? 
_entity_src_gen.gene_src_genus                     ? 
_entity_src_gen.pdbx_gene_src_gene                 'Cj0884, rpsO' 
_entity_src_gen.gene_src_species                   ? 
_entity_src_gen.gene_src_strain                    'NCTC 11168' 
_entity_src_gen.gene_src_tissue                    ? 
_entity_src_gen.gene_src_tissue_fraction           ? 
_entity_src_gen.gene_src_details                   ? 
_entity_src_gen.pdbx_gene_src_fragment             ? 
_entity_src_gen.pdbx_gene_src_scientific_name      'Campylobacter jejuni subsp. jejuni' 
_entity_src_gen.pdbx_gene_src_ncbi_taxonomy_id     192222 
_entity_src_gen.pdbx_gene_src_variant              ? 
_entity_src_gen.pdbx_gene_src_cell_line            ? 
_entity_src_gen.pdbx_gene_src_atcc                 ? 
_entity_src_gen.pdbx_gene_src_organ                ? 
_entity_src_gen.pdbx_gene_src_organelle            ? 
_entity_src_gen.pdbx_gene_src_cell                 ? 
_entity_src_gen.pdbx_gene_src_cellular_location    ? 
_entity_src_gen.host_org_common_name               ? 
_entity_src_gen.pdbx_host_org_scientific_name      'Escherichia coli' 
_entity_src_gen.pdbx_host_org_ncbi_taxonomy_id     469008 
_entity_src_gen.host_org_genus                     ? 
_entity_src_gen.pdbx_host_org_gene                 ? 
_entity_src_gen.pdbx_host_org_organ                ? 
_entity_src_gen.host_org_species                   ? 
_entity_src_gen.pdbx_host_org_tissue               ? 
_entity_src_gen.pdbx_host_org_tissue_fraction      ? 
_entity_src_gen.pdbx_host_org_strain               'BL21(DE3)' 
_entity_src_gen.pdbx_host_org_variant              ? 
_entity_src_gen.pdbx_host_org_cell_line            ? 
_entity_src_gen.pdbx_host_org_atcc                 ? 
_entity_src_gen.pdbx_host_org_culture_collection   ? 
_entity_src_gen.pdbx_host_org_cell                 ? 
_entity_src_gen.pdbx_host_org_organelle            ? 
_entity_src_gen.pdbx_host_org_cellular_location    ? 
_entity_src_gen.pdbx_host_org_vector_type          plasmid 
_entity_src_gen.pdbx_host_org_vector               ? 
_entity_src_gen.host_org_details                   ? 
_entity_src_gen.expression_system_id               ? 
_entity_src_gen.plasmid_name                       pMCSG7 
_entity_src_gen.plasmid_details                    ? 
_entity_src_gen.pdbx_description                   ? 
# 
_struct_ref.id                         1 
_struct_ref.db_name                    UNP 
_struct_ref.db_code                    RS15_CAMJE 
_struct_ref.pdbx_db_accession          Q0PA13 
_struct_ref.entity_id                  1 
_struct_ref.pdbx_seq_one_letter_code   
;MALDSAKKAEIVAKFAKKPGDTGSTEVQVALLTARIAELTEHLKIYKKDFSSRLGLLKLVGQRKRLLSYLKRKDYNSYSK
LITELNLRDK
;
_struct_ref.pdbx_align_begin           1 
_struct_ref.pdbx_db_isoform            ? 
# 
_struct_ref_seq.align_id                      1 
_struct_ref_seq.ref_id                        1 
_struct_ref_seq.pdbx_PDB_id_code              4IYL 
_struct_ref_seq.pdbx_strand_id                A 
_struct_ref_seq.seq_align_beg                 4 
_struct_ref_seq.pdbx_seq_align_beg_ins_code   ? 
_struct_ref_seq.seq_align_end                 93 
_struct_ref_seq.pdbx_seq_align_end_ins_code   ? 
_struct_ref_seq.pdbx_db_accession             Q0PA13 
_struct_ref_seq.db_align_beg                  1 
_struct_ref_seq.pdbx_db_align_beg_ins_code    ? 
_struct_ref_seq.db_align_end                  90 
_struct_ref_seq.pdbx_db_align_end_ins_code    ? 
_struct_ref_seq.pdbx_auth_seq_align_beg       1 
_struct_ref_seq.pdbx_auth_seq_align_end       90 
# 
loop_
_struct_ref_seq_dif.align_id 
_struct_ref_seq_dif.pdbx_pdb_id_code 
_struct_ref_seq_dif.mon_id 
_struct_ref_seq_dif.pdbx_pdb_strand_id 
_struct_ref_seq_dif.seq_num 
_struct_ref_seq_dif.pdbx_pdb_ins_code 
_struct_ref_seq_dif.pdbx_seq_db_name 
_struct_ref_seq_dif.pdbx_seq_db_accession_code 
_struct_ref_seq_dif.db_mon_id 
_struct_ref_seq_dif.pdbx_seq_db_seq_num 
_struct_ref_seq_dif.details 
_struct_ref_seq_dif.pdbx_auth_seq_num 
_struct_ref_seq_dif.pdbx_ordinal 
1 4IYL SER A 1 ? UNP Q0PA13 ? ? 'expression tag' -2 1 
1 4IYL ASN A 2 ? UNP Q0PA13 ? ? 'expression tag' -1 2 
1 4IYL ALA A 3 ? UNP Q0PA13 ? ? 'expression tag' 0  3 
# 
loop_
_chem_comp.id 
_chem_comp.type 
_chem_comp.mon_nstd_flag 
_chem_comp.name 
_chem_comp.pdbx_synonyms 
_chem_comp.formula 
_chem_comp.formula_weight 
ALA 'L-peptide linking' y ALANINE         ? 'C3 H7 N O2'     89.093  
ARG 'L-peptide linking' y ARGININE        ? 'C6 H15 N4 O2 1' 175.209 
ASN 'L-peptide linking' y ASPARAGINE      ? 'C4 H8 N2 O3'    132.118 
ASP 'L-peptide linking' y 'ASPARTIC ACID' ? 'C4 H7 N O4'     133.103 
GLN 'L-peptide linking' y GLUTAMINE       ? 'C5 H10 N2 O3'   146.144 
GLU 'L-peptide linking' y 'GLUTAMIC ACID' ? 'C5 H9 N O4'     147.129 
GLY 'peptide linking'   y GLYCINE         ? 'C2 H5 N O2'     75.067  
HIS 'L-peptide linking' y HISTIDINE       ? 'C6 H10 N3 O2 1' 156.162 
HOH non-polymer         . WATER           ? 'H2 O'           18.015  
ILE 'L-peptide linking' y ISOLEUCINE      ? 'C6 H13 N O2'    131.173 
LEU 'L-peptide linking' y LEUCINE         ? 'C6 H13 N O2'    131.173 
LYS 'L-peptide linking' y LYSINE          ? 'C6 H15 N2 O2 1' 147.195 
MET 'L-peptide linking' y METHIONINE      ? 'C5 H11 N O2 S'  149.211 
PHE 'L-peptide linking' y PHENYLALANINE   ? 'C9 H11 N O2'    165.189 
PRO 'L-peptide linking' y PROLINE         ? 'C5 H9 N O2'     115.130 
SER 'L-peptide linking' y SERINE          ? 'C3 H7 N O3'     105.093 
THR 'L-peptide linking' y THREONINE       ? 'C4 H9 N O3'     119.119 
TYR 'L-peptide linking' y TYROSINE        ? 'C9 H11 N O3'    181.189 
VAL 'L-peptide linking' y VALINE          ? 'C5 H11 N O2'    117.146 
# 
_exptl.crystals_number   1 
_exptl.entry_id          4IYL 
_exptl.method            'X-RAY DIFFRACTION' 
# 
_exptl_crystal.id                    1 
_exptl_crystal.density_Matthews      3.49 
_exptl_crystal.density_meas          ? 
_exptl_crystal.density_percent_sol   64.76 
_exptl_crystal.description           ? 
_exptl_crystal.F_000                 ? 
_exptl_crystal.preparation           ? 
# 
_exptl_crystal_grow.crystal_id      1 
_exptl_crystal_grow.method          'VAPOR DIFFUSION, SITTING DROP' 
_exptl_crystal_grow.pH              7.1 
_exptl_crystal_grow.temp            289 
_exptl_crystal_grow.pdbx_details    
'0.49 M sodium phosphate, 0.91 M di-potassium phosphate, pH 7.1, VAPOR DIFFUSION, SITTING DROP, temperature 289K' 
_exptl_crystal_grow.temp_details    ? 
_exptl_crystal_grow.pdbx_pH_range   ? 
# 
_diffrn.id                     1 
_diffrn.ambient_temp           100 
_diffrn.ambient_temp_details   ? 
_diffrn.crystal_id             1 
# 
_diffrn_detector.diffrn_id              1 
_diffrn_detector.detector               CCD 
_diffrn_detector.details                ? 
_diffrn_detector.type                   'ADSC QUANTUM 315r' 
_diffrn_detector.pdbx_collection_date   2010-08-25 
# 
_diffrn_radiation.diffrn_id                        1 
_diffrn_radiation.pdbx_diffrn_protocol             'SINGLE WAVELENGTH' 
_diffrn_radiation.monochromator                    'double crystal monochromator' 
_diffrn_radiation.wavelength_id                    1 
_diffrn_radiation.pdbx_monochromatic_or_laue_m_l   M 
_diffrn_radiation.pdbx_scattering_type             x-ray 
# 
_diffrn_radiation_wavelength.id           1 
_diffrn_radiation_wavelength.wavelength   0.9792 
_diffrn_radiation_wavelength.wt           1.0 
# 
_diffrn_source.diffrn_id                   1 
_diffrn_source.source                      SYNCHROTRON 
_diffrn_source.type                        'APS BEAMLINE 19-ID' 
_diffrn_source.pdbx_wavelength_list        0.9792 
_diffrn_source.pdbx_wavelength             ? 
_diffrn_source.pdbx_synchrotron_site       APS 
_diffrn_source.pdbx_synchrotron_beamline   19-ID 
# 
_reflns.pdbx_chi_squared             1.390 
_reflns.pdbx_scaling_rejects         ? 
_reflns.limit_k_max                  ? 
_reflns.d_resolution_high            2.36 
_reflns.observed_criterion_F_min     ? 
_reflns.pdbx_netI_over_sigmaI        10.200 
_reflns.observed_criterion_F_max     ? 
_reflns.pdbx_Rmerge_I_obs            0.098 
_reflns.limit_l_max                  ? 
_reflns.limit_k_min                  ? 
_reflns.entry_id                     4IYL 
_reflns.B_iso_Wilson_estimate        68.7 
_reflns.percent_possible_obs         95.200 
_reflns.pdbx_Rsym_value              ? 
_reflns.observed_criterion_sigma_I   0 
_reflns.observed_criterion_sigma_F   0 
_reflns.limit_l_min                  ? 
_reflns.limit_h_min                  ? 
_reflns.R_free_details               ? 
_reflns.number_all                   5992 
_reflns.d_resolution_low             32.3 
_reflns.pdbx_redundancy              3.600 
_reflns.number_obs                   5992 
_reflns.limit_h_max                  ? 
_reflns.pdbx_ordinal                 1 
_reflns.pdbx_diffrn_id               1 
# 
loop_
_reflns_shell.d_res_high 
_reflns_shell.d_res_low 
_reflns_shell.number_measured_obs 
_reflns_shell.number_measured_all 
_reflns_shell.number_unique_obs 
_reflns_shell.Rmerge_I_obs 
_reflns_shell.meanI_over_sigI_obs 
_reflns_shell.pdbx_Rsym_value 
_reflns_shell.pdbx_chi_squared 
_reflns_shell.pdbx_redundancy 
_reflns_shell.percent_possible_obs 
_reflns_shell.number_unique_all 
_reflns_shell.percent_possible_all 
_reflns_shell.pdbx_ordinal 
_reflns_shell.pdbx_diffrn_id 
2.380 2.420  ? ? ? 0.587 2.02 ? 0.951 2.500 ? 265 88.300 1  1 
2.420 2.470  ? ? ? 0.605 ?    ? 1.091 2.700 ? 290 95.400 2  1 
2.470 2.510  ? ? ? 0.612 ?    ? 1.013 2.800 ? 303 97.400 3  1 
2.510 2.560  ? ? ? 0.619 ?    ? 0.957 3.100 ? 301 95.600 4  1 
2.560 2.620  ? ? ? 0.475 ?    ? 1.111 3.200 ? 291 98.600 5  1 
2.620 2.680  ? ? ? 0.435 ?    ? 1.107 3.400 ? 301 99.000 6  1 
2.680 2.750  ? ? ? 0.442 ?    ? 1.041 3.700 ? 311 96.000 7  1 
2.750 2.820  ? ? ? 0.387 ?    ? 1.264 3.700 ? 305 99.700 8  1 
2.820 2.900  ? ? ? 0.319 ?    ? 1.160 4.100 ? 295 95.500 9  1 
2.900 3.000  ? ? ? 0.300 ?    ? 1.261 4.000 ? 306 99.700 10 1 
3.000 3.110  ? ? ? 0.219 ?    ? 1.399 4.000 ? 308 95.700 11 1 
3.110 3.230  ? ? ? 0.199 ?    ? 1.372 4.100 ? 294 98.700 12 1 
3.230 3.380  ? ? ? 0.154 ?    ? 1.554 4.000 ? 304 95.300 13 1 
3.380 3.550  ? ? ? 0.117 ?    ? 1.709 4.000 ? 304 98.700 14 1 
3.550 3.780  ? ? ? 0.085 ?    ? 1.643 4.000 ? 302 95.600 15 1 
3.780 4.070  ? ? ? 0.078 ?    ? 1.693 3.900 ? 312 95.700 16 1 
4.070 4.480  ? ? ? 0.062 ?    ? 1.529 3.700 ? 304 95.600 17 1 
4.480 5.130  ? ? ? 0.067 ?    ? 1.800 3.500 ? 302 95.900 18 1 
5.130 6.460  ? ? ? 0.078 ?    ? 1.783 3.600 ? 308 93.100 19 1 
6.460 50.000 ? ? ? 0.068 ?    ? 1.805 3.100 ? 286 78.400 20 1 
# 
_refine.ls_percent_reflns_R_free                 4.6000 
_refine.overall_SU_B                             9.5750 
_refine.pdbx_solvent_vdw_probe_radii             1.2000 
_refine.pdbx_R_Free_selection_details            RANDOM 
_refine.overall_FOM_free_R_set                   ? 
_refine.pdbx_data_cutoff_low_absF                ? 
_refine.entry_id                                 4IYL 
_refine.aniso_B[2][3]                            0.0000 
_refine.overall_SU_R_Cruickshank_DPI             ? 
_refine.overall_SU_ML                            0.1970 
_refine.pdbx_ls_sigma_I                          0 
_refine.aniso_B[1][3]                            0.0000 
_refine.pdbx_stereochemistry_target_values       'MAXIMUM LIKELIHOOD' 
_refine.aniso_B[3][3]                            3.8400 
_refine.occupancy_max                            1.000 
_refine.ls_number_restraints                     ? 
_refine.aniso_B[1][1]                            1.6400 
_refine.pdbx_overall_ESU_R                       0.2870 
_refine.ls_R_factor_obs                          0.2474 
_refine.pdbx_ls_cross_valid_method               THROUGHOUT 
_refine.pdbx_solvent_ion_probe_radii             0.8000 
_refine.pdbx_starting_model                      'PDB ENTRY 2Y0Y' 
_refine.ls_wR_factor_R_free                      ? 
_refine.ls_wR_factor_R_work                      ? 
_refine.pdbx_isotropic_thermal_model             ? 
_refine.pdbx_method_to_determine_struct          'MOLECULAR REPLACEMENT' 
_refine.solvent_model_param_ksol                 ? 
_refine.pdbx_solvent_shrinkage_radii             0.8000 
_refine.correlation_coeff_Fo_to_Fc               0.9420 
_refine.ls_number_reflns_R_free                  278 
_refine.correlation_coeff_Fo_to_Fc_free          0.9290 
_refine.pdbx_ls_sigma_F                          0.000 
_refine.ls_percent_reflns_obs                    94.3300 
_refine.ls_R_factor_R_work                       0.2458 
_refine.overall_SU_R_free                        ? 
_refine.ls_d_res_high                            2.3600 
_refine.pdbx_overall_ESU_R_Free                  0.2370 
_refine.B_iso_min                                45.600 
_refine.occupancy_min                            1.000 
_refine.B_iso_mean                               81.4788 
_refine.pdbx_stereochem_target_val_spec_case     ? 
_refine.ls_R_factor_all                          0.2474 
_refine.aniso_B[2][2]                            -5.4800 
_refine.B_iso_max                                151.270 
_refine.ls_d_res_low                             32.2700 
_refine.pdbx_overall_phase_error                 ? 
_refine.solvent_model_details                    MASK 
_refine.aniso_B[1][2]                            0.0000 
_refine.ls_R_factor_R_free                       0.2809 
_refine.ls_R_factor_R_free_error                 ? 
_refine.ls_number_reflns_obs                     5992 
_refine.overall_FOM_work_R_set                   ? 
_refine.ls_number_parameters                     ? 
_refine.details                                  
'HYDROGENS HAVE BEEN ADDED IN THE RIDING POSITIONS U VALUES      : REFINED INDIVIDUALLY' 
_refine.ls_number_reflns_all                     5992 
_refine.ls_redundancy_reflns_obs                 ? 
_refine.pdbx_data_cutoff_high_absF               ? 
_refine.solvent_model_param_bsol                 ? 
_refine.ls_R_factor_R_free_error_details         ? 
_refine.pdbx_data_cutoff_high_rms_absF           ? 
_refine.pdbx_diffrn_id                           1 
_refine.pdbx_refine_id                           'X-RAY DIFFRACTION' 
_refine.pdbx_TLS_residual_ADP_flag               ? 
_refine.pdbx_overall_SU_R_free_Cruickshank_DPI   ? 
_refine.pdbx_overall_SU_R_Blow_DPI               ? 
_refine.pdbx_overall_SU_R_free_Blow_DPI          ? 
# 
_refine_hist.pdbx_refine_id                   'X-RAY DIFFRACTION' 
_refine_hist.cycle_id                         LAST 
_refine_hist.pdbx_number_atoms_protein        678 
_refine_hist.pdbx_number_atoms_nucleic_acid   0 
_refine_hist.pdbx_number_atoms_ligand         0 
_refine_hist.number_atoms_solvent             4 
_refine_hist.number_atoms_total               682 
_refine_hist.d_res_high                       2.3600 
_refine_hist.d_res_low                        32.2700 
# 
loop_
_refine_ls_restr.type 
_refine_ls_restr.number 
_refine_ls_restr.dev_ideal 
_refine_ls_restr.dev_ideal_target 
_refine_ls_restr.weight 
_refine_ls_restr.pdbx_restraint_function 
_refine_ls_restr.pdbx_refine_id 
f_bond_refined_d       685  0.012  0.019  ? ? 'X-RAY DIFFRACTION' 
f_bond_other_d         725  0.001  0.020  ? ? 'X-RAY DIFFRACTION' 
f_angle_refined_deg    915  1.611  2.016  ? ? 'X-RAY DIFFRACTION' 
f_angle_other_deg      1672 0.771  3.000  ? ? 'X-RAY DIFFRACTION' 
f_dihedral_angle_1_deg 84   6.362  5.000  ? ? 'X-RAY DIFFRACTION' 
f_dihedral_angle_2_deg 25   34.974 23.200 ? ? 'X-RAY DIFFRACTION' 
f_dihedral_angle_3_deg 148  20.520 15.000 ? ? 'X-RAY DIFFRACTION' 
f_dihedral_angle_4_deg 5    11.195 15.000 ? ? 'X-RAY DIFFRACTION' 
f_chiral_restr         109  0.070  0.200  ? ? 'X-RAY DIFFRACTION' 
f_gen_planes_refined   726  0.005  0.020  ? ? 'X-RAY DIFFRACTION' 
f_gen_planes_other     141  0.001  0.020  ? ? 'X-RAY DIFFRACTION' 
# 
_refine_ls_shell.d_res_high                       2.3620 
_refine_ls_shell.d_res_low                        2.4230 
_refine_ls_shell.pdbx_total_number_of_bins_used   20 
_refine_ls_shell.percent_reflns_obs               79.3900 
_refine_ls_shell.number_reflns_R_work             351 
_refine_ls_shell.R_factor_all                     ? 
_refine_ls_shell.R_factor_R_work                  0.3580 
_refine_ls_shell.R_factor_R_free                  0.3730 
_refine_ls_shell.percent_reflns_R_free            ? 
_refine_ls_shell.number_reflns_R_free             15 
_refine_ls_shell.R_factor_R_free_error            ? 
_refine_ls_shell.number_reflns_all                366 
_refine_ls_shell.number_reflns_obs                366 
_refine_ls_shell.redundancy_reflns_obs            ? 
_refine_ls_shell.pdbx_refine_id                   'X-RAY DIFFRACTION' 
# 
_struct.entry_id                  4IYL 
_struct.title                     '30S ribosomal protein S15 from Campylobacter jejuni' 
_struct.pdbx_model_details        ? 
_struct.pdbx_CASP_flag            ? 
_struct.pdbx_model_type_details   ? 
# 
_struct_keywords.entry_id        4IYL 
_struct_keywords.text            
;structural genomics, Center for Structural Genomics of Infectious Diseases, CSGID, rRNA binding, translation, NIAID, National Institute of Allergy and Infectious Diseases, RIBOSOMAL PROTEIN
;
_struct_keywords.pdbx_keywords   'RIBOSOMAL PROTEIN' 
# 
loop_
_struct_asym.id 
_struct_asym.pdbx_blank_PDB_chainid_flag 
_struct_asym.pdbx_modified 
_struct_asym.entity_id 
_struct_asym.details 
A N N 1 ? 
B N N 2 ? 
# 
_struct_biol.id        1 
_struct_biol.details   'biological unit is the same as asymmetric unit, based on ribosome structure' 
# 
loop_
_struct_conf.conf_type_id 
_struct_conf.id 
_struct_conf.pdbx_PDB_helix_id 
_struct_conf.beg_label_comp_id 
_struct_conf.beg_label_asym_id 
_struct_conf.beg_label_seq_id 
_struct_conf.pdbx_beg_PDB_ins_code 
_struct_conf.end_label_comp_id 
_struct_conf.end_label_asym_id 
_struct_conf.end_label_seq_id 
_struct_conf.pdbx_end_PDB_ins_code 
_struct_conf.beg_auth_comp_id 
_struct_conf.beg_auth_asym_id 
_struct_conf.beg_auth_seq_id 
_struct_conf.end_auth_comp_id 
_struct_conf.end_auth_asym_id 
_struct_conf.end_auth_seq_id 
_struct_conf.pdbx_PDB_helix_class 
_struct_conf.details 
_struct_conf.pdbx_PDB_helix_length 
HELX_P HELX_P1 1 ASP A 7  ? ALA A 19 ? ASP A 4  ALA A 16 1 ? 13 
HELX_P HELX_P2 2 SER A 27 ? SER A 55 ? SER A 24 SER A 52 1 ? 29 
HELX_P HELX_P3 3 GLY A 58 ? ASP A 77 ? GLY A 55 ASP A 74 1 ? 20 
HELX_P HELX_P4 4 ASP A 77 ? LEU A 88 ? ASP A 74 LEU A 85 1 ? 12 
# 
_struct_conf_type.id          HELX_P 
_struct_conf_type.criteria    ? 
_struct_conf_type.reference   ? 
# 
_atom_sites.entry_id                    4IYL 
_atom_sites.fract_transf_matrix[1][1]   -0.00636381 
_atom_sites.fract_transf_matrix[1][2]   0.00581859 
_atom_sites.fract_transf_matrix[1][3]   0.02145936 
_atom_sites.fract_transf_matrix[2][1]   0.01106060 
_atom_sites.fract_transf_matrix[2][2]   -0.01132564 
_atom_sites.fract_transf_matrix[2][3]   0.00635093 
_atom_sites.fract_transf_matrix[3][1]   0.00612545 
_atom_sites.fract_transf_matrix[3][2]   0.00607678 
_atom_sites.fract_transf_matrix[3][3]   0.00016883 
_atom_sites.fract_transf_vector[1]      0.414939 
_atom_sites.fract_transf_vector[2]      0.201792 
_atom_sites.fract_transf_vector[3]      0.480692 
# 
loop_
_atom_type.symbol 
C 
N 
O 
# 
loop_
_atom_site.group_PDB 
_atom_site.id 
_atom_site.type_symbol 
_atom_site.label_atom_id 
_atom_site.label_alt_id 
_atom_site.label_comp_id 
_atom_site.label_asym_id 
_atom_site.label_entity_id 
_atom_site.label_seq_id 
_atom_site.pdbx_PDB_ins_code 
_atom_site.Cartn_x 
_atom_site.Cartn_y 
_atom_site.Cartn_z 
_atom_site.occupancy 
_atom_site.B_iso_or_equiv 
_atom_site.pdbx_formal_charge 
_atom_site.auth_seq_id 
_atom_site.auth_comp_id 
_atom_site.auth_asym_id 
_atom_site.auth_atom_id 
_atom_site.pdbx_PDB_model_num 
ATOM   1   N N   . LEU A 1 6  ? -15.310 -4.493  -8.616  1.00 127.57 ? 3   LEU A N   1 
ATOM   2   C CA  . LEU A 1 6  ? -16.365 -5.532  -8.830  1.00 122.62 ? 3   LEU A CA  1 
ATOM   3   C C   . LEU A 1 6  ? -17.667 -4.975  -9.415  1.00 111.81 ? 3   LEU A C   1 
ATOM   4   O O   . LEU A 1 6  ? -18.477 -4.346  -8.728  1.00 103.54 ? 3   LEU A O   1 
ATOM   5   C CB  . LEU A 1 6  ? -16.669 -6.349  -7.540  1.00 131.62 ? 3   LEU A CB  1 
ATOM   6   C CG  . LEU A 1 6  ? -17.016 -5.813  -6.119  1.00 134.44 ? 3   LEU A CG  1 
ATOM   7   C CD1 . LEU A 1 6  ? -18.280 -4.942  -5.962  1.00 132.05 ? 3   LEU A CD1 1 
ATOM   8   C CD2 . LEU A 1 6  ? -17.098 -7.031  -5.196  1.00 123.95 ? 3   LEU A CD2 1 
ATOM   9   N N   . ASP A 1 7  ? -17.877 -5.238  -10.694 1.00 102.19 ? 4   ASP A N   1 
ATOM   10  C CA  . ASP A 1 7  ? -19.196 -5.058  -11.271 1.00 108.25 ? 4   ASP A CA  1 
ATOM   11  C C   . ASP A 1 7  ? -20.132 -6.206  -10.817 1.00 95.45  ? 4   ASP A C   1 
ATOM   12  O O   . ASP A 1 7  ? -19.767 -7.058  -9.994  1.00 85.05  ? 4   ASP A O   1 
ATOM   13  C CB  . ASP A 1 7  ? -19.101 -4.959  -12.805 1.00 119.25 ? 4   ASP A CB  1 
ATOM   14  C CG  . ASP A 1 7  ? -18.818 -6.299  -13.467 1.00 128.98 ? 4   ASP A CG  1 
ATOM   15  O OD1 . ASP A 1 7  ? -17.856 -6.999  -13.071 1.00 132.66 ? 4   ASP A OD1 1 
ATOM   16  O OD2 . ASP A 1 7  ? -19.576 -6.654  -14.390 1.00 135.50 ? 4   ASP A OD2 1 
ATOM   17  N N   . SER A 1 8  ? -21.348 -6.211  -11.350 1.00 86.67  ? 5   SER A N   1 
ATOM   18  C CA  . SER A 1 8  ? -22.321 -7.242  -11.028 1.00 79.51  ? 5   SER A CA  1 
ATOM   19  C C   . SER A 1 8  ? -21.909 -8.590  -11.632 1.00 78.12  ? 5   SER A C   1 
ATOM   20  O O   . SER A 1 8  ? -22.204 -9.649  -11.050 1.00 72.66  ? 5   SER A O   1 
ATOM   21  C CB  . SER A 1 8  ? -23.697 -6.807  -11.536 1.00 80.60  ? 5   SER A CB  1 
ATOM   22  O OG  . SER A 1 8  ? -24.730 -7.615  -10.995 1.00 89.55  ? 5   SER A OG  1 
ATOM   23  N N   . ALA A 1 9  ? -21.237 -8.535  -12.795 1.00 74.79  ? 6   ALA A N   1 
ATOM   24  C CA  . ALA A 1 9  ? -20.890 -9.730  -13.585 1.00 73.40  ? 6   ALA A CA  1 
ATOM   25  C C   . ALA A 1 9  ? -19.752 -10.514 -12.965 1.00 71.87  ? 6   ALA A C   1 
ATOM   26  O O   . ALA A 1 9  ? -19.829 -11.745 -12.891 1.00 69.83  ? 6   ALA A O   1 
ATOM   27  C CB  . ALA A 1 9  ? -20.529 -9.368  -15.023 1.00 71.25  ? 6   ALA A CB  1 
ATOM   28  N N   . LYS A 1 10 ? -18.704 -9.812  -12.536 1.00 75.55  ? 7   LYS A N   1 
ATOM   29  C CA  . LYS A 1 10 ? -17.599 -10.471 -11.858 1.00 81.35  ? 7   LYS A CA  1 
ATOM   30  C C   . LYS A 1 10 ? -18.067 -11.063 -10.547 1.00 71.17  ? 7   LYS A C   1 
ATOM   31  O O   . LYS A 1 10 ? -17.929 -12.266 -10.345 1.00 70.67  ? 7   LYS A O   1 
ATOM   32  C CB  . LYS A 1 10 ? -16.382 -9.568  -11.700 1.00 91.97  ? 7   LYS A CB  1 
ATOM   33  C CG  . LYS A 1 10 ? -15.567 -9.558  -12.985 1.00 107.10 ? 7   LYS A CG  1 
ATOM   34  C CD  . LYS A 1 10 ? -14.275 -8.776  -12.857 1.00 120.85 ? 7   LYS A CD  1 
ATOM   35  C CE  . LYS A 1 10 ? -13.457 -8.889  -14.136 1.00 129.73 ? 7   LYS A CE  1 
ATOM   36  N NZ  . LYS A 1 10 ? -12.115 -8.255  -13.998 1.00 137.03 ? 7   LYS A NZ  1 
ATOM   37  N N   . LYS A 1 11 ? -18.687 -10.263 -9.695  1.00 70.22  ? 8   LYS A N   1 
ATOM   38  C CA  . LYS A 1 11 ? -19.373 -10.816 -8.513  1.00 71.10  ? 8   LYS A CA  1 
ATOM   39  C C   . LYS A 1 11 ? -20.052 -12.143 -8.827  1.00 68.13  ? 8   LYS A C   1 
ATOM   40  O O   . LYS A 1 11 ? -20.008 -13.082 -8.033  1.00 68.71  ? 8   LYS A O   1 
ATOM   41  C CB  . LYS A 1 11 ? -20.446 -9.866  -8.004  1.00 75.24  ? 8   LYS A CB  1 
ATOM   42  C CG  . LYS A 1 11 ? -19.944 -8.868  -6.991  1.00 85.93  ? 8   LYS A CG  1 
ATOM   43  C CD  . LYS A 1 11 ? -21.037 -7.929  -6.494  1.00 92.42  ? 8   LYS A CD  1 
ATOM   44  C CE  . LYS A 1 11 ? -22.294 -8.666  -6.026  1.00 92.80  ? 8   LYS A CE  1 
ATOM   45  N NZ  . LYS A 1 11 ? -22.052 -9.856  -5.148  1.00 84.81  ? 8   LYS A NZ  1 
ATOM   46  N N   . ALA A 1 12 ? -20.704 -12.211 -9.980  1.00 67.34  ? 9   ALA A N   1 
ATOM   47  C CA  . ALA A 1 12 ? -21.508 -13.389 -10.344 1.00 65.61  ? 9   ALA A CA  1 
ATOM   48  C C   . ALA A 1 12 ? -20.647 -14.545 -10.879 1.00 62.06  ? 9   ALA A C   1 
ATOM   49  O O   . ALA A 1 12 ? -21.036 -15.707 -10.734 1.00 59.14  ? 9   ALA A O   1 
ATOM   50  C CB  . ALA A 1 12 ? -22.570 -12.999 -11.360 1.00 63.01  ? 9   ALA A CB  1 
ATOM   51  N N   . GLU A 1 13 ? -19.505 -14.221 -11.494 1.00 55.88  ? 10  GLU A N   1 
ATOM   52  C CA  . GLU A 1 13 ? -18.534 -15.223 -11.927 1.00 64.49  ? 10  GLU A CA  1 
ATOM   53  C C   . GLU A 1 13 ? -17.907 -15.928 -10.712 1.00 68.36  ? 10  GLU A C   1 
ATOM   54  O O   . GLU A 1 13 ? -17.907 -17.167 -10.650 1.00 73.97  ? 10  GLU A O   1 
ATOM   55  C CB  . GLU A 1 13 ? -17.458 -14.603 -12.831 1.00 67.34  ? 10  GLU A CB  1 
ATOM   56  C CG  . GLU A 1 13 ? -17.961 -14.246 -14.231 1.00 75.97  ? 10  GLU A CG  1 
ATOM   57  C CD  . GLU A 1 13 ? -16.993 -13.359 -15.018 1.00 84.71  ? 10  GLU A CD  1 
ATOM   58  O OE1 . GLU A 1 13 ? -17.460 -12.340 -15.639 1.00 74.84  ? 10  GLU A OE1 1 
ATOM   59  O OE2 . GLU A 1 13 ? -15.773 -13.702 -14.997 1.00 74.69  ? 10  GLU A OE2 1 
ATOM   60  N N   . ILE A 1 14 ? -17.432 -15.142 -9.738  1.00 64.41  ? 11  ILE A N   1 
ATOM   61  C CA  . ILE A 1 14 ? -16.904 -15.672 -8.452  1.00 63.52  ? 11  ILE A CA  1 
ATOM   62  C C   . ILE A 1 14 ? -17.859 -16.668 -7.777  1.00 59.24  ? 11  ILE A C   1 
ATOM   63  O O   . ILE A 1 14 ? -17.482 -17.790 -7.456  1.00 61.54  ? 11  ILE A O   1 
ATOM   64  C CB  . ILE A 1 14 ? -16.569 -14.521 -7.491  1.00 68.83  ? 11  ILE A CB  1 
ATOM   65  C CG1 . ILE A 1 14 ? -15.370 -13.725 -8.062  1.00 73.52  ? 11  ILE A CG1 1 
ATOM   66  C CG2 . ILE A 1 14 ? -16.213 -15.056 -6.105  1.00 73.14  ? 11  ILE A CG2 1 
ATOM   67  C CD1 . ILE A 1 14 ? -15.440 -12.215 -7.902  1.00 77.33  ? 11  ILE A CD1 1 
ATOM   68  N N   . VAL A 1 15 ? -19.111 -16.279 -7.641  1.00 59.64  ? 12  VAL A N   1 
ATOM   69  C CA  . VAL A 1 15 ? -20.146 -17.184 -7.127  1.00 72.14  ? 12  VAL A CA  1 
ATOM   70  C C   . VAL A 1 15 ? -20.202 -18.501 -7.908  1.00 66.65  ? 12  VAL A C   1 
ATOM   71  O O   . VAL A 1 15 ? -20.209 -19.570 -7.307  1.00 78.30  ? 12  VAL A O   1 
ATOM   72  C CB  . VAL A 1 15 ? -21.580 -16.535 -7.117  1.00 77.79  ? 12  VAL A CB  1 
ATOM   73  C CG1 . VAL A 1 15 ? -22.613 -17.482 -6.502  1.00 81.32  ? 12  VAL A CG1 1 
ATOM   74  C CG2 . VAL A 1 15 ? -21.604 -15.199 -6.373  1.00 76.18  ? 12  VAL A CG2 1 
ATOM   75  N N   . ALA A 1 16 ? -20.240 -18.434 -9.238  1.00 70.71  ? 13  ALA A N   1 
ATOM   76  C CA  . ALA A 1 16 ? -20.412 -19.652 -10.056 1.00 69.38  ? 13  ALA A CA  1 
ATOM   77  C C   . ALA A 1 16 ? -19.224 -20.593 -9.912  1.00 64.11  ? 13  ALA A C   1 
ATOM   78  O O   . ALA A 1 16 ? -19.375 -21.828 -9.968  1.00 64.24  ? 13  ALA A O   1 
ATOM   79  C CB  . ALA A 1 16 ? -20.585 -19.288 -11.522 1.00 76.39  ? 13  ALA A CB  1 
ATOM   80  N N   . LYS A 1 17 ? -18.053 -19.974 -9.760  1.00 56.98  ? 14  LYS A N   1 
ATOM   81  C CA  . LYS A 1 17 ? -16.824 -20.676 -9.517  1.00 66.46  ? 14  LYS A CA  1 
ATOM   82  C C   . LYS A 1 17 ? -16.845 -21.323 -8.152  1.00 71.62  ? 14  LYS A C   1 
ATOM   83  O O   . LYS A 1 17 ? -16.752 -22.537 -8.062  1.00 79.92  ? 14  LYS A O   1 
ATOM   84  C CB  . LYS A 1 17 ? -15.644 -19.724 -9.584  1.00 69.99  ? 14  LYS A CB  1 
ATOM   85  C CG  . LYS A 1 17 ? -14.329 -20.429 -9.326  1.00 75.99  ? 14  LYS A CG  1 
ATOM   86  C CD  . LYS A 1 17 ? -13.153 -19.615 -9.846  1.00 80.80  ? 14  LYS A CD  1 
ATOM   87  C CE  . LYS A 1 17 ? -12.052 -20.520 -10.390 1.00 88.52  ? 14  LYS A CE  1 
ATOM   88  N NZ  . LYS A 1 17 ? -11.037 -19.754 -11.167 1.00 92.29  ? 14  LYS A NZ  1 
ATOM   89  N N   . PHE A 1 18 ? -17.001 -20.531 -7.089  1.00 70.48  ? 15  PHE A N   1 
ATOM   90  C CA  . PHE A 1 18 ? -16.800 -21.061 -5.719  1.00 67.58  ? 15  PHE A CA  1 
ATOM   91  C C   . PHE A 1 18 ? -17.979 -21.782 -5.144  1.00 69.85  ? 15  PHE A C   1 
ATOM   92  O O   . PHE A 1 18 ? -17.950 -22.164 -3.975  1.00 82.78  ? 15  PHE A O   1 
ATOM   93  C CB  . PHE A 1 18 ? -16.284 -19.977 -4.786  1.00 63.72  ? 15  PHE A CB  1 
ATOM   94  C CG  . PHE A 1 18 ? -14.948 -19.478 -5.220  1.00 68.64  ? 15  PHE A CG  1 
ATOM   95  C CD1 . PHE A 1 18 ? -14.840 -18.388 -6.064  1.00 71.88  ? 15  PHE A CD1 1 
ATOM   96  C CD2 . PHE A 1 18 ? -13.811 -20.184 -4.917  1.00 75.06  ? 15  PHE A CD2 1 
ATOM   97  C CE1 . PHE A 1 18 ? -13.609 -17.936 -6.534  1.00 69.50  ? 15  PHE A CE1 1 
ATOM   98  C CE2 . PHE A 1 18 ? -12.568 -19.745 -5.376  1.00 80.97  ? 15  PHE A CE2 1 
ATOM   99  C CZ  . PHE A 1 18 ? -12.471 -18.614 -6.188  1.00 73.25  ? 15  PHE A CZ  1 
ATOM   100 N N   . ALA A 1 19 ? -18.986 -22.023 -5.978  1.00 69.55  ? 16  ALA A N   1 
ATOM   101 C CA  . ALA A 1 19 ? -20.150 -22.798 -5.577  1.00 79.83  ? 16  ALA A CA  1 
ATOM   102 C C   . ALA A 1 19 ? -19.811 -24.288 -5.511  1.00 94.82  ? 16  ALA A C   1 
ATOM   103 O O   . ALA A 1 19 ? -18.908 -24.740 -6.232  1.00 102.55 ? 16  ALA A O   1 
ATOM   104 C CB  . ALA A 1 19 ? -21.292 -22.555 -6.557  1.00 80.43  ? 16  ALA A CB  1 
ATOM   105 N N   . LYS A 1 20 ? -20.536 -25.035 -4.657  1.00 112.30 ? 17  LYS A N   1 
ATOM   106 C CA  . LYS A 1 20 ? -20.394 -26.524 -4.492  1.00 117.17 ? 17  LYS A CA  1 
ATOM   107 C C   . LYS A 1 20 ? -21.693 -27.313 -4.823  1.00 116.18 ? 17  LYS A C   1 
ATOM   108 O O   . LYS A 1 20 ? -21.717 -28.554 -4.747  1.00 112.76 ? 17  LYS A O   1 
ATOM   109 C CB  . LYS A 1 20 ? -19.949 -26.934 -3.065  1.00 114.97 ? 17  LYS A CB  1 
ATOM   110 C CG  . LYS A 1 20 ? -19.716 -25.811 -2.051  1.00 114.59 ? 17  LYS A CG  1 
ATOM   111 C CD  . LYS A 1 20 ? -18.298 -25.790 -1.522  1.00 111.18 ? 17  LYS A CD  1 
ATOM   112 C CE  . LYS A 1 20 ? -17.338 -25.212 -2.541  1.00 110.59 ? 17  LYS A CE  1 
ATOM   113 N NZ  . LYS A 1 20 ? -15.975 -25.750 -2.307  1.00 112.20 ? 17  LYS A NZ  1 
ATOM   114 N N   . LYS A 1 21 ? -22.753 -26.589 -5.181  1.00 114.71 ? 18  LYS A N   1 
ATOM   115 C CA  . LYS A 1 21 ? -24.062 -27.162 -5.482  1.00 126.40 ? 18  LYS A CA  1 
ATOM   116 C C   . LYS A 1 21 ? -24.894 -26.025 -6.099  1.00 134.82 ? 18  LYS A C   1 
ATOM   117 O O   . LYS A 1 21 ? -24.556 -24.852 -5.903  1.00 124.32 ? 18  LYS A O   1 
ATOM   118 C CB  . LYS A 1 21 ? -24.730 -27.687 -4.191  1.00 130.78 ? 18  LYS A CB  1 
ATOM   119 C CG  . LYS A 1 21 ? -26.064 -28.430 -4.366  1.00 135.63 ? 18  LYS A CG  1 
ATOM   120 C CD  . LYS A 1 21 ? -26.935 -28.408 -3.106  1.00 130.19 ? 18  LYS A CD  1 
ATOM   121 C CE  . LYS A 1 21 ? -28.411 -28.655 -3.425  1.00 124.74 ? 18  LYS A CE  1 
ATOM   122 N NZ  . LYS A 1 21 ? -29.325 -28.383 -2.274  1.00 115.69 ? 18  LYS A NZ  1 
ATOM   123 N N   . PRO A 1 22 ? -25.961 -26.355 -6.864  1.00 145.35 ? 19  PRO A N   1 
ATOM   124 C CA  . PRO A 1 22 ? -26.971 -25.353 -7.269  1.00 148.01 ? 19  PRO A CA  1 
ATOM   125 C C   . PRO A 1 22 ? -27.658 -24.574 -6.115  1.00 150.96 ? 19  PRO A C   1 
ATOM   126 O O   . PRO A 1 22 ? -28.291 -25.182 -5.234  1.00 150.31 ? 19  PRO A O   1 
ATOM   127 C CB  . PRO A 1 22 ? -28.015 -26.196 -8.039  1.00 144.13 ? 19  PRO A CB  1 
ATOM   128 C CG  . PRO A 1 22 ? -27.630 -27.630 -7.827  1.00 142.31 ? 19  PRO A CG  1 
ATOM   129 C CD  . PRO A 1 22 ? -26.147 -27.603 -7.624  1.00 139.91 ? 19  PRO A CD  1 
ATOM   130 N N   . GLY A 1 23 ? -27.545 -23.244 -6.147  1.00 141.17 ? 20  GLY A N   1 
ATOM   131 C CA  . GLY A 1 23 ? -28.177 -22.372 -5.146  1.00 137.40 ? 20  GLY A CA  1 
ATOM   132 C C   . GLY A 1 23 ? -27.205 -21.816 -4.119  1.00 128.99 ? 20  GLY A C   1 
ATOM   133 O O   . GLY A 1 23 ? -27.609 -21.028 -3.251  1.00 124.64 ? 20  GLY A O   1 
ATOM   134 N N   . ASP A 1 24 ? -25.936 -22.236 -4.219  1.00 113.85 ? 21  ASP A N   1 
ATOM   135 C CA  . ASP A 1 24 ? -24.855 -21.772 -3.340  1.00 104.21 ? 21  ASP A CA  1 
ATOM   136 C C   . ASP A 1 24 ? -24.474 -20.354 -3.734  1.00 96.01  ? 21  ASP A C   1 
ATOM   137 O O   . ASP A 1 24 ? -23.535 -20.127 -4.513  1.00 97.11  ? 21  ASP A O   1 
ATOM   138 C CB  . ASP A 1 24 ? -23.628 -22.722 -3.407  1.00 108.09 ? 21  ASP A CB  1 
ATOM   139 C CG  . ASP A 1 24 ? -22.393 -22.235 -2.559  1.00 100.19 ? 21  ASP A CG  1 
ATOM   140 O OD1 . ASP A 1 24 ? -22.343 -21.071 -2.113  1.00 92.47  ? 21  ASP A OD1 1 
ATOM   141 O OD2 . ASP A 1 24 ? -21.445 -23.037 -2.357  1.00 83.12  ? 21  ASP A OD2 1 
ATOM   142 N N   . THR A 1 25 ? -25.223 -19.406 -3.186  1.00 90.73  ? 22  THR A N   1 
ATOM   143 C CA  . THR A 1 25 ? -24.834 -18.001 -3.216  1.00 96.99  ? 22  THR A CA  1 
ATOM   144 C C   . THR A 1 25 ? -24.067 -17.661 -1.923  1.00 92.32  ? 22  THR A C   1 
ATOM   145 O O   . THR A 1 25 ? -23.512 -16.560 -1.812  1.00 90.30  ? 22  THR A O   1 
ATOM   146 C CB  . THR A 1 25 ? -26.066 -17.069 -3.400  1.00 103.17 ? 22  THR A CB  1 
ATOM   147 O OG1 . THR A 1 25 ? -26.894 -17.571 -4.459  1.00 102.33 ? 22  THR A OG1 1 
ATOM   148 C CG2 . THR A 1 25 ? -25.647 -15.620 -3.743  1.00 105.40 ? 22  THR A CG2 1 
ATOM   149 N N   . GLY A 1 26 ? -24.000 -18.616 -0.974  1.00 88.91  ? 23  GLY A N   1 
ATOM   150 C CA  . GLY A 1 26 ? -23.509 -18.342 0.401   1.00 80.13  ? 23  GLY A CA  1 
ATOM   151 C C   . GLY A 1 26 ? -22.750 -19.393 1.234   1.00 80.10  ? 23  GLY A C   1 
ATOM   152 O O   . GLY A 1 26 ? -22.860 -19.379 2.484   1.00 77.46  ? 23  GLY A O   1 
ATOM   153 N N   . SER A 1 27 ? -21.962 -20.270 0.583   1.00 65.35  ? 24  SER A N   1 
ATOM   154 C CA  . SER A 1 27 ? -20.985 -21.101 1.298   1.00 61.26  ? 24  SER A CA  1 
ATOM   155 C C   . SER A 1 27 ? -19.828 -20.256 1.849   1.00 59.41  ? 24  SER A C   1 
ATOM   156 O O   . SER A 1 27 ? -19.522 -19.150 1.377   1.00 60.10  ? 24  SER A O   1 
ATOM   157 C CB  . SER A 1 27 ? -20.408 -22.231 0.414   1.00 63.65  ? 24  SER A CB  1 
ATOM   158 O OG  . SER A 1 27 ? -19.631 -21.740 -0.683  1.00 65.68  ? 24  SER A OG  1 
ATOM   159 N N   . THR A 1 28 ? -19.159 -20.819 2.838   1.00 55.57  ? 25  THR A N   1 
ATOM   160 C CA  . THR A 1 28 ? -17.958 -20.213 3.377   1.00 54.27  ? 25  THR A CA  1 
ATOM   161 C C   . THR A 1 28 ? -16.972 -19.860 2.267   1.00 51.66  ? 25  THR A C   1 
ATOM   162 O O   . THR A 1 28 ? -16.346 -18.812 2.342   1.00 58.49  ? 25  THR A O   1 
ATOM   163 C CB  . THR A 1 28 ? -17.300 -21.106 4.483   1.00 52.79  ? 25  THR A CB  1 
ATOM   164 O OG1 . THR A 1 28 ? -18.281 -21.468 5.471   1.00 58.04  ? 25  THR A OG1 1 
ATOM   165 C CG2 . THR A 1 28 ? -16.166 -20.378 5.172   1.00 51.73  ? 25  THR A CG2 1 
ATOM   166 N N   . GLU A 1 29 ? -16.875 -20.694 1.231   1.00 55.10  ? 26  GLU A N   1 
ATOM   167 C CA  . GLU A 1 29 ? -15.899 -20.484 0.125   1.00 59.73  ? 26  GLU A CA  1 
ATOM   168 C C   . GLU A 1 29 ? -16.250 -19.299 -0.765  1.00 58.53  ? 26  GLU A C   1 
ATOM   169 O O   . GLU A 1 29 ? -15.378 -18.477 -1.147  1.00 52.68  ? 26  GLU A O   1 
ATOM   170 C CB  . GLU A 1 29 ? -15.793 -21.735 -0.749  1.00 62.45  ? 26  GLU A CB  1 
ATOM   171 C CG  . GLU A 1 29 ? -15.223 -22.938 0.003   1.00 67.33  ? 26  GLU A CG  1 
ATOM   172 C CD  . GLU A 1 29 ? -16.274 -23.769 0.753   1.00 75.13  ? 26  GLU A CD  1 
ATOM   173 O OE1 . GLU A 1 29 ? -15.971 -24.951 1.068   1.00 67.80  ? 26  GLU A OE1 1 
ATOM   174 O OE2 . GLU A 1 29 ? -17.397 -23.258 1.026   1.00 77.94  ? 26  GLU A OE2 1 
ATOM   175 N N   . VAL A 1 30 ? -17.534 -19.228 -1.096  1.00 56.76  ? 27  VAL A N   1 
ATOM   176 C CA  . VAL A 1 30 ? -18.060 -18.113 -1.881  1.00 55.89  ? 27  VAL A CA  1 
ATOM   177 C C   . VAL A 1 30 ? -17.780 -16.809 -1.133  1.00 59.58  ? 27  VAL A C   1 
ATOM   178 O O   . VAL A 1 30 ? -17.091 -15.926 -1.648  1.00 64.17  ? 27  VAL A O   1 
ATOM   179 C CB  . VAL A 1 30 ? -19.550 -18.328 -2.152  1.00 55.28  ? 27  VAL A CB  1 
ATOM   180 C CG1 . VAL A 1 30 ? -20.208 -17.094 -2.711  1.00 61.24  ? 27  VAL A CG1 1 
ATOM   181 C CG2 . VAL A 1 30 ? -19.720 -19.463 -3.142  1.00 64.56  ? 27  VAL A CG2 1 
ATOM   182 N N   . GLN A 1 31 ? -18.251 -16.705 0.105   1.00 55.49  ? 28  GLN A N   1 
ATOM   183 C CA  . GLN A 1 31 ? -18.043 -15.475 0.872   1.00 54.76  ? 28  GLN A CA  1 
ATOM   184 C C   . GLN A 1 31 ? -16.585 -15.073 0.946   1.00 54.11  ? 28  GLN A C   1 
ATOM   185 O O   . GLN A 1 31 ? -16.231 -13.900 0.817   1.00 53.76  ? 28  GLN A O   1 
ATOM   186 C CB  . GLN A 1 31 ? -18.496 -15.671 2.299   1.00 57.81  ? 28  GLN A CB  1 
ATOM   187 C CG  . GLN A 1 31 ? -19.985 -15.819 2.453   1.00 59.08  ? 28  GLN A CG  1 
ATOM   188 C CD  . GLN A 1 31 ? -20.351 -15.789 3.913   1.00 70.94  ? 28  GLN A CD  1 
ATOM   189 O OE1 . GLN A 1 31 ? -20.126 -14.778 4.606   1.00 76.35  ? 28  GLN A OE1 1 
ATOM   190 N NE2 . GLN A 1 31 ? -20.902 -16.902 4.404   1.00 66.72  ? 28  GLN A NE2 1 
ATOM   191 N N   . VAL A 1 32 ? -15.729 -16.050 1.211   1.00 55.28  ? 29  VAL A N   1 
ATOM   192 C CA  . VAL A 1 32 ? -14.325 -15.742 1.308   1.00 53.25  ? 29  VAL A CA  1 
ATOM   193 C C   . VAL A 1 32 ? -13.844 -15.197 -0.039  1.00 53.40  ? 29  VAL A C   1 
ATOM   194 O O   . VAL A 1 32 ? -13.174 -14.162 -0.078  1.00 54.45  ? 29  VAL A O   1 
ATOM   195 C CB  . VAL A 1 32 ? -13.473 -16.945 1.727   1.00 50.38  ? 29  VAL A CB  1 
ATOM   196 C CG1 . VAL A 1 32 ? -12.005 -16.545 1.644   1.00 53.36  ? 29  VAL A CG1 1 
ATOM   197 C CG2 . VAL A 1 32 ? -13.829 -17.413 3.125   1.00 47.53  ? 29  VAL A CG2 1 
ATOM   198 N N   . ALA A 1 33 ? -14.211 -15.860 -1.137  1.00 54.99  ? 30  ALA A N   1 
ATOM   199 C CA  . ALA A 1 33 ? -13.820 -15.384 -2.477  1.00 51.45  ? 30  ALA A CA  1 
ATOM   200 C C   . ALA A 1 33 ? -14.347 -13.992 -2.729  1.00 51.28  ? 30  ALA A C   1 
ATOM   201 O O   . ALA A 1 33 ? -13.650 -13.134 -3.284  1.00 58.81  ? 30  ALA A O   1 
ATOM   202 C CB  . ALA A 1 33 ? -14.327 -16.332 -3.540  1.00 57.68  ? 30  ALA A CB  1 
ATOM   203 N N   . LEU A 1 34 ? -15.577 -13.738 -2.306  1.00 51.75  ? 31  LEU A N   1 
ATOM   204 C CA  . LEU A 1 34 ? -16.145 -12.398 -2.483  1.00 54.65  ? 31  LEU A CA  1 
ATOM   205 C C   . LEU A 1 34 ? -15.451 -11.370 -1.642  1.00 57.19  ? 31  LEU A C   1 
ATOM   206 O O   . LEU A 1 34 ? -15.288 -10.237 -2.083  1.00 59.22  ? 31  LEU A O   1 
ATOM   207 C CB  . LEU A 1 34 ? -17.626 -12.349 -2.112  1.00 58.71  ? 31  LEU A CB  1 
ATOM   208 C CG  . LEU A 1 34 ? -18.683 -12.441 -3.214  1.00 61.81  ? 31  LEU A CG  1 
ATOM   209 C CD1 . LEU A 1 34 ? -18.161 -12.995 -4.532  1.00 63.93  ? 31  LEU A CD1 1 
ATOM   210 C CD2 . LEU A 1 34 ? -19.808 -13.314 -2.703  1.00 64.79  ? 31  LEU A CD2 1 
ATOM   211 N N   . LEU A 1 35 ? -15.081 -11.721 -0.416  1.00 57.90  ? 32  LEU A N   1 
ATOM   212 C CA  . LEU A 1 35 ? -14.496 -10.705 0.434   1.00 60.72  ? 32  LEU A CA  1 
ATOM   213 C C   . LEU A 1 35 ? -13.145 -10.410 -0.146  1.00 58.91  ? 32  LEU A C   1 
ATOM   214 O O   . LEU A 1 35 ? -12.709 -9.279  -0.167  1.00 58.19  ? 32  LEU A O   1 
ATOM   215 C CB  . LEU A 1 35 ? -14.407 -11.138 1.899   1.00 65.87  ? 32  LEU A CB  1 
ATOM   216 C CG  . LEU A 1 35 ? -15.733 -11.040 2.689   1.00 67.34  ? 32  LEU A CG  1 
ATOM   217 C CD1 . LEU A 1 35 ? -15.709 -11.922 3.920   1.00 67.04  ? 32  LEU A CD1 1 
ATOM   218 C CD2 . LEU A 1 35 ? -16.020 -9.616  3.113   1.00 67.03  ? 32  LEU A CD2 1 
ATOM   219 N N   . THR A 1 36 ? -12.497 -11.434 -0.673  1.00 62.32  ? 33  THR A N   1 
ATOM   220 C CA  . THR A 1 36 ? -11.164 -11.256 -1.251  1.00 64.00  ? 33  THR A CA  1 
ATOM   221 C C   . THR A 1 36 ? -11.150 -10.292 -2.425  1.00 62.66  ? 33  THR A C   1 
ATOM   222 O O   . THR A 1 36 ? -10.326 -9.377  -2.462  1.00 65.47  ? 33  THR A O   1 
ATOM   223 C CB  . THR A 1 36 ? -10.555 -12.610 -1.646  1.00 66.95  ? 33  THR A CB  1 
ATOM   224 O OG1 . THR A 1 36 ? -10.443 -13.423 -0.464  1.00 58.82  ? 33  THR A OG1 1 
ATOM   225 C CG2 . THR A 1 36 ? -9.179  -12.432 -2.248  1.00 65.74  ? 33  THR A CG2 1 
ATOM   226 N N   . ALA A 1 37 ? -12.067 -10.473 -3.367  1.00 66.03  ? 34  ALA A N   1 
ATOM   227 C CA  . ALA A 1 37 ? -12.258 -9.486  -4.446  1.00 68.54  ? 34  ALA A CA  1 
ATOM   228 C C   . ALA A 1 37 ? -12.491 -8.056  -3.916  1.00 69.80  ? 34  ALA A C   1 
ATOM   229 O O   . ALA A 1 37 ? -11.885 -7.095  -4.401  1.00 72.11  ? 34  ALA A O   1 
ATOM   230 C CB  . ALA A 1 37 ? -13.425 -9.903  -5.328  1.00 67.25  ? 34  ALA A CB  1 
ATOM   231 N N   . ARG A 1 38 ? -13.372 -7.915  -2.927  1.00 72.58  ? 35  ARG A N   1 
ATOM   232 C CA  . ARG A 1 38 ? -13.668 -6.586  -2.356  1.00 71.49  ? 35  ARG A CA  1 
ATOM   233 C C   . ARG A 1 38 ? -12.468 -6.011  -1.654  1.00 63.35  ? 35  ARG A C   1 
ATOM   234 O O   . ARG A 1 38 ? -12.076 -4.890  -1.923  1.00 69.59  ? 35  ARG A O   1 
ATOM   235 C CB  . ARG A 1 38 ? -14.852 -6.621  -1.385  1.00 77.28  ? 35  ARG A CB  1 
ATOM   236 C CG  . ARG A 1 38 ? -16.203 -6.502  -2.078  1.00 90.41  ? 35  ARG A CG  1 
ATOM   237 C CD  . ARG A 1 38 ? -17.275 -5.903  -1.180  1.00 102.13 ? 35  ARG A CD  1 
ATOM   238 N NE  . ARG A 1 38 ? -17.971 -6.918  -0.394  1.00 107.50 ? 35  ARG A NE  1 
ATOM   239 C CZ  . ARG A 1 38 ? -18.615 -6.681  0.750   1.00 117.27 ? 35  ARG A CZ  1 
ATOM   240 N NH1 . ARG A 1 38 ? -19.214 -7.691  1.387   1.00 126.31 ? 35  ARG A NH1 1 
ATOM   241 N NH2 . ARG A 1 38 ? -18.659 -5.451  1.271   1.00 107.40 ? 35  ARG A NH2 1 
ATOM   242 N N   . ILE A 1 39 ? -11.890 -6.780  -0.746  1.00 61.92  ? 36  ILE A N   1 
ATOM   243 C CA  . ILE A 1 39 ? -10.686 -6.364  -0.051  1.00 66.11  ? 36  ILE A CA  1 
ATOM   244 C C   . ILE A 1 39 ? -9.573  -6.022  -1.057  1.00 63.86  ? 36  ILE A C   1 
ATOM   245 O O   . ILE A 1 39 ? -8.893  -5.028  -0.899  1.00 63.71  ? 36  ILE A O   1 
ATOM   246 C CB  . ILE A 1 39 ? -10.222 -7.450  0.941   1.00 66.69  ? 36  ILE A CB  1 
ATOM   247 C CG1 . ILE A 1 39 ? -11.155 -7.494  2.163   1.00 65.50  ? 36  ILE A CG1 1 
ATOM   248 C CG2 . ILE A 1 39 ? -8.802  -7.179  1.403   1.00 66.64  ? 36  ILE A CG2 1 
ATOM   249 C CD1 . ILE A 1 39 ? -11.047 -8.781  2.962   1.00 63.72  ? 36  ILE A CD1 1 
ATOM   250 N N   . ALA A 1 40 ? -9.408  -6.816  -2.107  1.00 62.38  ? 37  ALA A N   1 
ATOM   251 C CA  . ALA A 1 40 ? -8.403  -6.506  -3.138  1.00 68.62  ? 37  ALA A CA  1 
ATOM   252 C C   . ALA A 1 40 ? -8.596  -5.152  -3.832  1.00 75.78  ? 37  ALA A C   1 
ATOM   253 O O   . ALA A 1 40 ? -7.639  -4.391  -3.992  1.00 80.01  ? 37  ALA A O   1 
ATOM   254 C CB  . ALA A 1 40 ? -8.381  -7.603  -4.185  1.00 71.38  ? 37  ALA A CB  1 
ATOM   255 N N   . GLU A 1 41 ? -9.823  -4.866  -4.265  1.00 77.72  ? 38  GLU A N   1 
ATOM   256 C CA  . GLU A 1 41 ? -10.120 -3.603  -4.948  1.00 76.28  ? 38  GLU A CA  1 
ATOM   257 C C   . GLU A 1 41 ? -9.925  -2.413  -4.004  1.00 70.90  ? 38  GLU A C   1 
ATOM   258 O O   . GLU A 1 41 ? -9.337  -1.424  -4.412  1.00 77.77  ? 38  GLU A O   1 
ATOM   259 C CB  . GLU A 1 41 ? -11.530 -3.622  -5.571  1.00 84.82  ? 38  GLU A CB  1 
ATOM   260 C CG  . GLU A 1 41 ? -11.642 -4.262  -6.970  1.00 98.75  ? 38  GLU A CG  1 
ATOM   261 C CD  . GLU A 1 41 ? -10.817 -5.551  -7.175  1.00 112.44 ? 38  GLU A CD  1 
ATOM   262 O OE1 . GLU A 1 41 ? -9.589  -5.452  -7.443  1.00 124.16 ? 38  GLU A OE1 1 
ATOM   263 O OE2 . GLU A 1 41 ? -11.395 -6.669  -7.112  1.00 99.41  ? 38  GLU A OE2 1 
ATOM   264 N N   . LEU A 1 42 ? -10.380 -2.502  -2.754  1.00 67.54  ? 39  LEU A N   1 
ATOM   265 C CA  . LEU A 1 42 ? -10.105 -1.432  -1.755  1.00 72.73  ? 39  LEU A CA  1 
ATOM   266 C C   . LEU A 1 42 ? -8.629  -1.213  -1.472  1.00 71.20  ? 39  LEU A C   1 
ATOM   267 O O   . LEU A 1 42 ? -8.197  -0.122  -1.145  1.00 71.41  ? 39  LEU A O   1 
ATOM   268 C CB  . LEU A 1 42 ? -10.725 -1.755  -0.399  1.00 82.43  ? 39  LEU A CB  1 
ATOM   269 C CG  . LEU A 1 42 ? -12.097 -1.187  -0.057  1.00 90.30  ? 39  LEU A CG  1 
ATOM   270 C CD1 . LEU A 1 42 ? -13.151 -1.738  -1.010  1.00 90.09  ? 39  LEU A CD1 1 
ATOM   271 C CD2 . LEU A 1 42 ? -12.424 -1.490  1.408   1.00 92.34  ? 39  LEU A CD2 1 
ATOM   272 N N   . THR A 1 43 ? -7.872  -2.290  -1.529  1.00 78.24  ? 40  THR A N   1 
ATOM   273 C CA  . THR A 1 43 ? -6.470  -2.265  -1.168  1.00 79.76  ? 40  THR A CA  1 
ATOM   274 C C   . THR A 1 43 ? -5.644  -1.651  -2.299  1.00 77.30  ? 40  THR A C   1 
ATOM   275 O O   . THR A 1 43 ? -4.730  -0.859  -2.044  1.00 76.79  ? 40  THR A O   1 
ATOM   276 C CB  . THR A 1 43 ? -5.986  -3.691  -0.810  1.00 87.44  ? 40  THR A CB  1 
ATOM   277 O OG1 . THR A 1 43 ? -6.536  -4.068  0.466   1.00 90.71  ? 40  THR A OG1 1 
ATOM   278 C CG2 . THR A 1 43 ? -4.459  -3.771  -0.735  1.00 91.60  ? 40  THR A CG2 1 
ATOM   279 N N   . GLU A 1 44 ? -5.972  -1.991  -3.542  1.00 79.52  ? 41  GLU A N   1 
ATOM   280 C CA  . GLU A 1 44 ? -5.304  -1.355  -4.662  1.00 90.04  ? 41  GLU A CA  1 
ATOM   281 C C   . GLU A 1 44 ? -5.689  0.123   -4.738  1.00 90.68  ? 41  GLU A C   1 
ATOM   282 O O   . GLU A 1 44 ? -4.958  0.922   -5.322  1.00 99.01  ? 41  GLU A O   1 
ATOM   283 C CB  . GLU A 1 44 ? -5.535  -2.072  -6.001  1.00 97.55  ? 41  GLU A CB  1 
ATOM   284 C CG  . GLU A 1 44 ? -4.255  -2.083  -6.846  1.00 116.12 ? 41  GLU A CG  1 
ATOM   285 C CD  . GLU A 1 44 ? -4.455  -2.452  -8.313  1.00 130.02 ? 41  GLU A CD  1 
ATOM   286 O OE1 . GLU A 1 44 ? -5.263  -3.366  -8.611  1.00 132.46 ? 41  GLU A OE1 1 
ATOM   287 O OE2 . GLU A 1 44 ? -3.776  -1.831  -9.171  1.00 129.03 ? 41  GLU A OE2 1 
ATOM   288 N N   . HIS A 1 45 ? -6.809  0.510   -4.137  1.00 81.22  ? 42  HIS A N   1 
ATOM   289 C CA  . HIS A 1 45 ? -7.126  1.928   -4.077  1.00 81.85  ? 42  HIS A CA  1 
ATOM   290 C C   . HIS A 1 45 ? -6.060  2.623   -3.263  1.00 81.02  ? 42  HIS A C   1 
ATOM   291 O O   . HIS A 1 45 ? -5.451  3.592   -3.714  1.00 82.40  ? 42  HIS A O   1 
ATOM   292 C CB  . HIS A 1 45 ? -8.499  2.208   -3.448  1.00 84.90  ? 42  HIS A CB  1 
ATOM   293 C CG  . HIS A 1 45 ? -8.717  3.655   -3.118  1.00 89.15  ? 42  HIS A CG  1 
ATOM   294 N ND1 . HIS A 1 45 ? -9.009  4.600   -4.077  1.00 92.60  ? 42  HIS A ND1 1 
ATOM   295 C CD2 . HIS A 1 45 ? -8.637  4.327   -1.944  1.00 90.72  ? 42  HIS A CD2 1 
ATOM   296 C CE1 . HIS A 1 45 ? -9.126  5.786   -3.508  1.00 93.60  ? 42  HIS A CE1 1 
ATOM   297 N NE2 . HIS A 1 45 ? -8.906  5.646   -2.213  1.00 92.13  ? 42  HIS A NE2 1 
ATOM   298 N N   . LEU A 1 46 ? -5.853  2.124   -2.052  1.00 78.10  ? 43  LEU A N   1 
ATOM   299 C CA  . LEU A 1 46 ? -4.944  2.754   -1.124  1.00 74.32  ? 43  LEU A CA  1 
ATOM   300 C C   . LEU A 1 46 ? -3.529  2.723   -1.664  1.00 76.64  ? 43  LEU A C   1 
ATOM   301 O O   . LEU A 1 46 ? -2.761  3.663   -1.453  1.00 85.03  ? 43  LEU A O   1 
ATOM   302 C CB  . LEU A 1 46 ? -4.991  2.043   0.222   1.00 71.68  ? 43  LEU A CB  1 
ATOM   303 C CG  . LEU A 1 46 ? -6.201  2.381   1.060   1.00 76.23  ? 43  LEU A CG  1 
ATOM   304 C CD1 . LEU A 1 46 ? -6.205  1.495   2.295   1.00 81.43  ? 43  LEU A CD1 1 
ATOM   305 C CD2 . LEU A 1 46 ? -6.196  3.858   1.426   1.00 76.35  ? 43  LEU A CD2 1 
ATOM   306 N N   . LYS A 1 47 ? -3.185  1.633   -2.339  1.00 73.81  ? 44  LYS A N   1 
ATOM   307 C CA  . LYS A 1 47 ? -1.843  1.459   -2.897  1.00 84.68  ? 44  LYS A CA  1 
ATOM   308 C C   . LYS A 1 47 ? -1.557  2.533   -3.937  1.00 87.83  ? 44  LYS A C   1 
ATOM   309 O O   . LYS A 1 47 ? -0.503  3.169   -3.916  1.00 102.56 ? 44  LYS A O   1 
ATOM   310 C CB  . LYS A 1 47 ? -1.687  0.057   -3.509  1.00 84.78  ? 44  LYS A CB  1 
ATOM   311 C CG  . LYS A 1 47 ? -0.556  -0.090  -4.521  1.00 93.86  ? 44  LYS A CG  1 
ATOM   312 C CD  . LYS A 1 47 ? -0.384  -1.546  -4.941  1.00 101.01 ? 44  LYS A CD  1 
ATOM   313 C CE  . LYS A 1 47 ? 1.020   -1.848  -5.448  1.00 104.81 ? 44  LYS A CE  1 
ATOM   314 N NZ  . LYS A 1 47 ? 1.448   -3.235  -5.088  1.00 105.97 ? 44  LYS A NZ  1 
ATOM   315 N N   . ILE A 1 48 ? -2.512  2.732   -4.835  1.00 90.77  ? 45  ILE A N   1 
ATOM   316 C CA  . ILE A 1 48 ? -2.335  3.631   -5.957  1.00 90.02  ? 45  ILE A CA  1 
ATOM   317 C C   . ILE A 1 48 ? -2.483  5.071   -5.518  1.00 81.43  ? 45  ILE A C   1 
ATOM   318 O O   . ILE A 1 48 ? -1.935  5.950   -6.150  1.00 92.52  ? 45  ILE A O   1 
ATOM   319 C CB  . ILE A 1 48 ? -3.299  3.273   -7.117  1.00 97.70  ? 45  ILE A CB  1 
ATOM   320 C CG1 . ILE A 1 48 ? -2.958  1.874   -7.666  1.00 104.60 ? 45  ILE A CG1 1 
ATOM   321 C CG2 . ILE A 1 48 ? -3.251  4.310   -8.236  1.00 98.65  ? 45  ILE A CG2 1 
ATOM   322 C CD1 . ILE A 1 48 ? -1.510  1.672   -8.096  1.00 112.54 ? 45  ILE A CD1 1 
ATOM   323 N N   . TYR A 1 49 ? -3.185  5.321   -4.424  1.00 83.93  ? 46  TYR A N   1 
ATOM   324 C CA  . TYR A 1 49 ? -3.273  6.684   -3.883  1.00 80.08  ? 46  TYR A CA  1 
ATOM   325 C C   . TYR A 1 49 ? -1.963  7.175   -3.328  1.00 80.35  ? 46  TYR A C   1 
ATOM   326 O O   . TYR A 1 49 ? -1.542  8.290   -3.605  1.00 85.17  ? 46  TYR A O   1 
ATOM   327 C CB  . TYR A 1 49 ? -4.242  6.751   -2.729  1.00 81.60  ? 46  TYR A CB  1 
ATOM   328 C CG  . TYR A 1 49 ? -4.190  8.091   -2.076  1.00 84.67  ? 46  TYR A CG  1 
ATOM   329 C CD1 . TYR A 1 49 ? -4.581  9.217   -2.784  1.00 89.69  ? 46  TYR A CD1 1 
ATOM   330 C CD2 . TYR A 1 49 ? -3.724  8.256   -0.772  1.00 89.55  ? 46  TYR A CD2 1 
ATOM   331 C CE1 . TYR A 1 49 ? -4.545  10.470  -2.221  1.00 89.25  ? 46  TYR A CE1 1 
ATOM   332 C CE2 . TYR A 1 49 ? -3.680  9.518   -0.196  1.00 89.55  ? 46  TYR A CE2 1 
ATOM   333 C CZ  . TYR A 1 49 ? -4.098  10.617  -0.937  1.00 89.13  ? 46  TYR A CZ  1 
ATOM   334 O OH  . TYR A 1 49 ? -4.084  11.885  -0.430  1.00 87.26  ? 46  TYR A OH  1 
ATOM   335 N N   . LYS A 1 50 ? -1.383  6.350   -2.467  1.00 86.23  ? 47  LYS A N   1 
ATOM   336 C CA  . LYS A 1 50 ? -0.058  6.564   -1.906  1.00 95.72  ? 47  LYS A CA  1 
ATOM   337 C C   . LYS A 1 50 ? 0.971   6.754   -3.027  1.00 96.13  ? 47  LYS A C   1 
ATOM   338 O O   . LYS A 1 50 ? 1.716   7.724   -3.013  1.00 104.99 ? 47  LYS A O   1 
ATOM   339 C CB  . LYS A 1 50 ? 0.314   5.363   -1.029  1.00 97.60  ? 47  LYS A CB  1 
ATOM   340 C CG  . LYS A 1 50 ? 1.611   5.468   -0.246  1.00 101.96 ? 47  LYS A CG  1 
ATOM   341 C CD  . LYS A 1 50 ? 1.913   4.123   0.408   1.00 110.95 ? 47  LYS A CD  1 
ATOM   342 C CE  . LYS A 1 50 ? 3.255   4.093   1.124   1.00 114.33 ? 47  LYS A CE  1 
ATOM   343 N NZ  . LYS A 1 50 ? 3.593   2.708   1.572   1.00 119.53 ? 47  LYS A NZ  1 
ATOM   344 N N   . LYS A 1 51 ? 1.001   5.831   -3.990  1.00 98.15  ? 48  LYS A N   1 
ATOM   345 C CA  . LYS A 1 51 ? 1.871   5.948   -5.177  1.00 96.90  ? 48  LYS A CA  1 
ATOM   346 C C   . LYS A 1 51 ? 1.780   7.322   -5.858  1.00 95.96  ? 48  LYS A C   1 
ATOM   347 O O   . LYS A 1 51 ? 2.796   7.934   -6.157  1.00 101.07 ? 48  LYS A O   1 
ATOM   348 C CB  . LYS A 1 51 ? 1.555   4.853   -6.216  1.00 100.55 ? 48  LYS A CB  1 
ATOM   349 C CG  . LYS A 1 51 ? 2.659   3.810   -6.400  1.00 106.57 ? 48  LYS A CG  1 
ATOM   350 C CD  . LYS A 1 51 ? 2.686   3.245   -7.822  1.00 111.65 ? 48  LYS A CD  1 
ATOM   351 C CE  . LYS A 1 51 ? 4.062   2.667   -8.172  1.00 118.67 ? 48  LYS A CE  1 
ATOM   352 N NZ  . LYS A 1 51 ? 4.317   2.535   -9.641  1.00 120.48 ? 48  LYS A NZ  1 
ATOM   353 N N   . ASP A 1 52 ? 0.562   7.800   -6.092  1.00 96.66  ? 49  ASP A N   1 
ATOM   354 C CA  . ASP A 1 52 ? 0.336   9.028   -6.854  1.00 96.59  ? 49  ASP A CA  1 
ATOM   355 C C   . ASP A 1 52 ? 0.134   10.241  -5.966  1.00 90.60  ? 49  ASP A C   1 
ATOM   356 O O   . ASP A 1 52 ? -0.202  11.302  -6.465  1.00 89.08  ? 49  ASP A O   1 
ATOM   357 C CB  . ASP A 1 52 ? -0.899  8.893   -7.767  1.00 107.43 ? 49  ASP A CB  1 
ATOM   358 C CG  . ASP A 1 52 ? -0.849  7.659   -8.667  1.00 116.46 ? 49  ASP A CG  1 
ATOM   359 O OD1 . ASP A 1 52 ? 0.198   6.970   -8.682  1.00 124.42 ? 49  ASP A OD1 1 
ATOM   360 O OD2 . ASP A 1 52 ? -1.864  7.375   -9.353  1.00 118.45 ? 49  ASP A OD2 1 
ATOM   361 N N   . PHE A 1 53 ? 0.276   10.088  -4.655  1.00 86.09  ? 50  PHE A N   1 
ATOM   362 C CA  . PHE A 1 53 ? 0.369   11.245  -3.766  1.00 79.77  ? 50  PHE A CA  1 
ATOM   363 C C   . PHE A 1 53 ? 1.833   11.492  -3.443  1.00 84.50  ? 50  PHE A C   1 
ATOM   364 O O   . PHE A 1 53 ? 2.290   12.629  -3.448  1.00 90.11  ? 50  PHE A O   1 
ATOM   365 C CB  . PHE A 1 53 ? -0.411  11.030  -2.480  1.00 81.20  ? 50  PHE A CB  1 
ATOM   366 C CG  . PHE A 1 53 ? -0.029  11.979  -1.377  1.00 77.26  ? 50  PHE A CG  1 
ATOM   367 C CD1 . PHE A 1 53 ? -0.777  13.122  -1.139  1.00 75.55  ? 50  PHE A CD1 1 
ATOM   368 C CD2 . PHE A 1 53 ? 1.083   11.727  -0.579  1.00 78.82  ? 50  PHE A CD2 1 
ATOM   369 C CE1 . PHE A 1 53 ? -0.427  14.000  -0.131  1.00 76.73  ? 50  PHE A CE1 1 
ATOM   370 C CE2 . PHE A 1 53 ? 1.439   12.597  0.434   1.00 79.88  ? 50  PHE A CE2 1 
ATOM   371 C CZ  . PHE A 1 53 ? 0.681   13.735  0.658   1.00 78.38  ? 50  PHE A CZ  1 
ATOM   372 N N   . SER A 1 54 ? 2.563   10.421  -3.137  1.00 91.40  ? 51  SER A N   1 
ATOM   373 C CA  . SER A 1 54 ? 4.016   10.496  -2.933  1.00 93.40  ? 51  SER A CA  1 
ATOM   374 C C   . SER A 1 54 ? 4.739   11.025  -4.187  1.00 94.89  ? 51  SER A C   1 
ATOM   375 O O   . SER A 1 54 ? 5.733   11.736  -4.076  1.00 91.88  ? 51  SER A O   1 
ATOM   376 C CB  . SER A 1 54 ? 4.590   9.119   -2.525  1.00 92.66  ? 51  SER A CB  1 
ATOM   377 O OG  . SER A 1 54 ? 4.073   8.663   -1.281  1.00 83.15  ? 51  SER A OG  1 
ATOM   378 N N   . SER A 1 55 ? 4.239   10.671  -5.371  1.00 101.23 ? 52  SER A N   1 
ATOM   379 C CA  . SER A 1 55 ? 4.795   11.164  -6.634  1.00 107.12 ? 52  SER A CA  1 
ATOM   380 C C   . SER A 1 55 ? 4.377   12.615  -6.918  1.00 109.27 ? 52  SER A C   1 
ATOM   381 O O   . SER A 1 55 ? 5.227   13.486  -7.113  1.00 119.01 ? 52  SER A O   1 
ATOM   382 C CB  . SER A 1 55 ? 4.379   10.261  -7.805  1.00 110.91 ? 52  SER A CB  1 
ATOM   383 O OG  . SER A 1 55 ? 4.408   10.964  -9.041  1.00 113.01 ? 52  SER A OG  1 
ATOM   384 N N   . ARG A 1 56 ? 3.073   12.871  -6.938  1.00 107.48 ? 53  ARG A N   1 
ATOM   385 C CA  . ARG A 1 56 ? 2.555   14.204  -7.281  1.00 109.55 ? 53  ARG A CA  1 
ATOM   386 C C   . ARG A 1 56 ? 3.058   15.311  -6.339  1.00 102.80 ? 53  ARG A C   1 
ATOM   387 O O   . ARG A 1 56 ? 3.259   16.444  -6.771  1.00 102.62 ? 53  ARG A O   1 
ATOM   388 C CB  . ARG A 1 56 ? 1.013   14.189  -7.322  1.00 126.55 ? 53  ARG A CB  1 
ATOM   389 C CG  . ARG A 1 56 ? 0.356   15.216  -8.251  1.00 137.52 ? 53  ARG A CG  1 
ATOM   390 C CD  . ARG A 1 56 ? -1.176  15.145  -8.203  1.00 144.86 ? 53  ARG A CD  1 
ATOM   391 N NE  . ARG A 1 56 ? -1.800  14.060  -8.993  1.00 150.75 ? 53  ARG A NE  1 
ATOM   392 C CZ  . ARG A 1 56 ? -2.166  12.846  -8.543  1.00 150.61 ? 53  ARG A CZ  1 
ATOM   393 N NH1 . ARG A 1 56 ? -1.967  12.468  -7.281  1.00 141.21 ? 53  ARG A NH1 1 
ATOM   394 N NH2 . ARG A 1 56 ? -2.736  11.977  -9.375  1.00 151.27 ? 53  ARG A NH2 1 
ATOM   395 N N   . LEU A 1 57 ? 3.275   14.989  -5.066  1.00 99.27  ? 54  LEU A N   1 
ATOM   396 C CA  . LEU A 1 57 ? 3.695   16.000  -4.073  1.00 104.38 ? 54  LEU A CA  1 
ATOM   397 C C   . LEU A 1 57 ? 5.165   15.883  -3.630  1.00 105.69 ? 54  LEU A C   1 
ATOM   398 O O   . LEU A 1 57 ? 5.621   16.593  -2.715  1.00 90.61  ? 54  LEU A O   1 
ATOM   399 C CB  . LEU A 1 57 ? 2.751   15.982  -2.869  1.00 100.85 ? 54  LEU A CB  1 
ATOM   400 C CG  . LEU A 1 57 ? 1.375   16.567  -3.215  1.00 100.20 ? 54  LEU A CG  1 
ATOM   401 C CD1 . LEU A 1 57 ? 0.472   15.601  -3.977  1.00 98.93  ? 54  LEU A CD1 1 
ATOM   402 C CD2 . LEU A 1 57 ? 0.693   17.041  -1.953  1.00 102.48 ? 54  LEU A CD2 1 
ATOM   403 N N   . GLY A 1 58 ? 5.888   14.983  -4.295  1.00 104.77 ? 55  GLY A N   1 
ATOM   404 C CA  . GLY A 1 58 ? 7.334   14.892  -4.182  1.00 105.25 ? 55  GLY A CA  1 
ATOM   405 C C   . GLY A 1 58 ? 7.890   14.316  -2.896  1.00 101.63 ? 55  GLY A C   1 
ATOM   406 O O   . GLY A 1 58 ? 9.003   14.657  -2.512  1.00 106.48 ? 55  GLY A O   1 
ATOM   407 N N   . LEU A 1 59 ? 7.150   13.426  -2.240  1.00 99.28  ? 56  LEU A N   1 
ATOM   408 C CA  . LEU A 1 59 ? 7.636   12.823  -1.006  1.00 93.98  ? 56  LEU A CA  1 
ATOM   409 C C   . LEU A 1 59 ? 8.943   12.034  -1.240  1.00 95.91  ? 56  LEU A C   1 
ATOM   410 O O   . LEU A 1 59 ? 9.876   12.159  -0.446  1.00 106.18 ? 56  LEU A O   1 
ATOM   411 C CB  . LEU A 1 59 ? 6.550   11.974  -0.335  1.00 90.86  ? 56  LEU A CB  1 
ATOM   412 C CG  . LEU A 1 59 ? 6.936   11.430  1.050   1.00 89.77  ? 56  LEU A CG  1 
ATOM   413 C CD1 . LEU A 1 59 ? 5.841   11.659  2.083   1.00 84.31  ? 56  LEU A CD1 1 
ATOM   414 C CD2 . LEU A 1 59 ? 7.340   9.955   0.950   1.00 89.01  ? 56  LEU A CD2 1 
ATOM   415 N N   . LEU A 1 60 ? 9.032   11.262  -2.327  1.00 93.40  ? 57  LEU A N   1 
ATOM   416 C CA  . LEU A 1 60 ? 10.267  10.522  -2.641  1.00 92.57  ? 57  LEU A CA  1 
ATOM   417 C C   . LEU A 1 60 ? 11.421  11.430  -3.041  1.00 84.73  ? 57  LEU A C   1 
ATOM   418 O O   . LEU A 1 60 ? 12.586  11.104  -2.798  1.00 79.38  ? 57  LEU A O   1 
ATOM   419 C CB  . LEU A 1 60 ? 10.028  9.501   -3.751  1.00 104.33 ? 57  LEU A CB  1 
ATOM   420 C CG  . LEU A 1 60 ? 9.026   8.391   -3.423  1.00 108.68 ? 57  LEU A CG  1 
ATOM   421 C CD1 . LEU A 1 60 ? 9.225   7.269   -4.429  1.00 108.39 ? 57  LEU A CD1 1 
ATOM   422 C CD2 . LEU A 1 60 ? 9.153   7.874   -1.990  1.00 108.12 ? 57  LEU A CD2 1 
ATOM   423 N N   . LYS A 1 61 ? 11.090  12.553  -3.668  1.00 79.92  ? 58  LYS A N   1 
ATOM   424 C CA  . LYS A 1 61 ? 12.066  13.615  -3.942  1.00 89.87  ? 58  LYS A CA  1 
ATOM   425 C C   . LYS A 1 61 ? 12.677  14.067  -2.601  1.00 83.15  ? 58  LYS A C   1 
ATOM   426 O O   . LYS A 1 61 ? 13.879  13.921  -2.377  1.00 83.85  ? 58  LYS A O   1 
ATOM   427 C CB  . LYS A 1 61 ? 11.403  14.816  -4.671  1.00 94.63  ? 58  LYS A CB  1 
ATOM   428 C CG  . LYS A 1 61 ? 12.339  15.673  -5.528  1.00 107.53 ? 58  LYS A CG  1 
ATOM   429 C CD  . LYS A 1 61 ? 11.974  17.170  -5.561  1.00 112.23 ? 58  LYS A CD  1 
ATOM   430 C CE  . LYS A 1 61 ? 12.640  17.896  -6.750  1.00 115.01 ? 58  LYS A CE  1 
ATOM   431 N NZ  . LYS A 1 61 ? 13.138  19.295  -6.512  1.00 107.01 ? 58  LYS A NZ  1 
ATOM   432 N N   . LEU A 1 62 ? 11.823  14.587  -1.723  1.00 66.15  ? 59  LEU A N   1 
ATOM   433 C CA  . LEU A 1 62 ? 12.223  15.072  -0.430  1.00 66.06  ? 59  LEU A CA  1 
ATOM   434 C C   . LEU A 1 62 ? 13.022  14.056  0.355   1.00 66.98  ? 59  LEU A C   1 
ATOM   435 O O   . LEU A 1 62 ? 14.094  14.366  0.873   1.00 71.70  ? 59  LEU A O   1 
ATOM   436 C CB  . LEU A 1 62 ? 11.007  15.421  0.397   1.00 67.36  ? 59  LEU A CB  1 
ATOM   437 C CG  . LEU A 1 62 ? 10.135  16.546  -0.125  1.00 73.01  ? 59  LEU A CG  1 
ATOM   438 C CD1 . LEU A 1 62 ? 9.113   16.894  0.962   1.00 74.55  ? 59  LEU A CD1 1 
ATOM   439 C CD2 . LEU A 1 62 ? 10.952  17.757  -0.568  1.00 73.64  ? 59  LEU A CD2 1 
ATOM   440 N N   . VAL A 1 63 ? 12.511  12.840  0.458   1.00 67.65  ? 60  VAL A N   1 
ATOM   441 C CA  . VAL A 1 63 ? 13.214  11.830  1.224   1.00 63.42  ? 60  VAL A CA  1 
ATOM   442 C C   . VAL A 1 63 ? 14.620  11.560  0.671   1.00 66.51  ? 60  VAL A C   1 
ATOM   443 O O   . VAL A 1 63 ? 15.582  11.428  1.442   1.00 68.98  ? 60  VAL A O   1 
ATOM   444 C CB  . VAL A 1 63 ? 12.423  10.519  1.319   1.00 63.80  ? 60  VAL A CB  1 
ATOM   445 C CG1 . VAL A 1 63 ? 13.262  9.481   2.048   1.00 64.81  ? 60  VAL A CG1 1 
ATOM   446 C CG2 . VAL A 1 63 ? 11.101  10.732  2.047   1.00 61.55  ? 60  VAL A CG2 1 
ATOM   447 N N   . GLY A 1 64 ? 14.742  11.483  -0.653  1.00 67.24  ? 61  GLY A N   1 
ATOM   448 C CA  . GLY A 1 64 ? 16.045  11.262  -1.298  1.00 60.60  ? 61  GLY A CA  1 
ATOM   449 C C   . GLY A 1 64 ? 16.962  12.457  -1.134  1.00 59.81  ? 61  GLY A C   1 
ATOM   450 O O   . GLY A 1 64 ? 18.167  12.341  -1.009  1.00 61.74  ? 61  GLY A O   1 
ATOM   451 N N   . GLN A 1 65 ? 16.379  13.633  -1.121  1.00 63.18  ? 62  GLN A N   1 
ATOM   452 C CA  . GLN A 1 65 ? 17.132  14.838  -0.824  1.00 62.93  ? 62  GLN A CA  1 
ATOM   453 C C   . GLN A 1 65 ? 17.755  14.728  0.558   1.00 57.24  ? 62  GLN A C   1 
ATOM   454 O O   . GLN A 1 65 ? 18.920  15.017  0.736   1.00 64.73  ? 62  GLN A O   1 
ATOM   455 C CB  . GLN A 1 65 ? 16.203  16.052  -0.905  1.00 72.45  ? 62  GLN A CB  1 
ATOM   456 C CG  . GLN A 1 65 ? 16.869  17.365  -1.277  1.00 87.01  ? 62  GLN A CG  1 
ATOM   457 C CD  . GLN A 1 65 ? 15.862  18.446  -1.665  1.00 98.48  ? 62  GLN A CD  1 
ATOM   458 O OE1 . GLN A 1 65 ? 14.966  18.210  -2.499  1.00 92.94  ? 62  GLN A OE1 1 
ATOM   459 N NE2 . GLN A 1 65 ? 16.013  19.649  -1.072  1.00 96.23  ? 62  GLN A NE2 1 
ATOM   460 N N   . ARG A 1 66 ? 17.000  14.279  1.542   1.00 53.71  ? 63  ARG A N   1 
ATOM   461 C CA  . ARG A 1 66 ? 17.507  14.340  2.886   1.00 52.50  ? 63  ARG A CA  1 
ATOM   462 C C   . ARG A 1 66 ? 18.513  13.242  3.036   1.00 48.58  ? 63  ARG A C   1 
ATOM   463 O O   . ARG A 1 66 ? 19.557  13.404  3.684   1.00 53.02  ? 63  ARG A O   1 
ATOM   464 C CB  . ARG A 1 66 ? 16.368  14.202  3.891   1.00 59.17  ? 63  ARG A CB  1 
ATOM   465 C CG  . ARG A 1 66 ? 16.814  14.136  5.346   1.00 60.47  ? 63  ARG A CG  1 
ATOM   466 C CD  . ARG A 1 66 ? 15.643  13.990  6.326   1.00 57.04  ? 63  ARG A CD  1 
ATOM   467 N NE  . ARG A 1 66 ? 14.868  12.785  6.082   1.00 56.12  ? 63  ARG A NE  1 
ATOM   468 C CZ  . ARG A 1 66 ? 13.760  12.447  6.734   1.00 59.84  ? 63  ARG A CZ  1 
ATOM   469 N NH1 . ARG A 1 66 ? 13.275  13.202  7.708   1.00 64.47  ? 63  ARG A NH1 1 
ATOM   470 N NH2 . ARG A 1 66 ? 13.124  11.333  6.401   1.00 64.05  ? 63  ARG A NH2 1 
ATOM   471 N N   . LYS A 1 67 ? 18.216  12.117  2.418   1.00 56.17  ? 64  LYS A N   1 
ATOM   472 C CA  . LYS A 1 67 ? 19.172  11.014  2.368   1.00 63.31  ? 64  LYS A CA  1 
ATOM   473 C C   . LYS A 1 67 ? 20.538  11.621  2.027   1.00 63.17  ? 64  LYS A C   1 
ATOM   474 O O   . LYS A 1 67 ? 21.467  11.509  2.812   1.00 66.17  ? 64  LYS A O   1 
ATOM   475 C CB  . LYS A 1 67 ? 18.753  9.900   1.348   1.00 84.58  ? 64  LYS A CB  1 
ATOM   476 C CG  . LYS A 1 67 ? 19.500  9.887   -0.028  1.00 105.49 ? 64  LYS A CG  1 
ATOM   477 C CD  . LYS A 1 67 ? 18.808  9.154   -1.202  1.00 110.16 ? 64  LYS A CD  1 
ATOM   478 C CE  . LYS A 1 67 ? 18.994  9.886   -2.543  1.00 108.71 ? 64  LYS A CE  1 
ATOM   479 N NZ  . LYS A 1 67 ? 18.056  9.503   -3.642  1.00 113.13 ? 64  LYS A NZ  1 
ATOM   480 N N   . ARG A 1 68 ? 20.650  12.325  0.902   1.00 57.41  ? 65  ARG A N   1 
ATOM   481 C CA  . ARG A 1 68 ? 21.968  12.721  0.424   1.00 61.04  ? 65  ARG A CA  1 
ATOM   482 C C   . ARG A 1 68 ? 22.624  13.722  1.338   1.00 55.92  ? 65  ARG A C   1 
ATOM   483 O O   . ARG A 1 68 ? 23.844  13.754  1.454   1.00 58.97  ? 65  ARG A O   1 
ATOM   484 C CB  . ARG A 1 68 ? 21.901  13.279  -0.991  1.00 64.26  ? 65  ARG A CB  1 
ATOM   485 C CG  . ARG A 1 68 ? 21.600  12.172  -1.987  1.00 79.60  ? 65  ARG A CG  1 
ATOM   486 C CD  . ARG A 1 68 ? 21.754  12.631  -3.426  1.00 85.96  ? 65  ARG A CD  1 
ATOM   487 N NE  . ARG A 1 68 ? 20.950  13.823  -3.712  1.00 82.50  ? 65  ARG A NE  1 
ATOM   488 C CZ  . ARG A 1 68 ? 19.656  13.820  -4.056  1.00 91.88  ? 65  ARG A CZ  1 
ATOM   489 N NH1 . ARG A 1 68 ? 18.957  12.683  -4.191  1.00 95.17  ? 65  ARG A NH1 1 
ATOM   490 N NH2 . ARG A 1 68 ? 19.047  14.981  -4.265  1.00 87.36  ? 65  ARG A NH2 1 
ATOM   491 N N   . LEU A 1 69 ? 21.811  14.537  1.994   1.00 52.78  ? 66  LEU A N   1 
ATOM   492 C CA  . LEU A 1 69 ? 22.358  15.587  2.850   1.00 47.23  ? 66  LEU A CA  1 
ATOM   493 C C   . LEU A 1 69 ? 22.844  14.979  4.134   1.00 45.87  ? 66  LEU A C   1 
ATOM   494 O O   . LEU A 1 69 ? 23.893  15.362  4.617   1.00 47.09  ? 66  LEU A O   1 
ATOM   495 C CB  . LEU A 1 69 ? 21.300  16.617  3.152   1.00 45.72  ? 66  LEU A CB  1 
ATOM   496 C CG  . LEU A 1 69 ? 21.025  17.576  2.004   1.00 45.60  ? 66  LEU A CG  1 
ATOM   497 C CD1 . LEU A 1 69 ? 19.691  18.223  2.281   1.00 50.35  ? 66  LEU A CD1 1 
ATOM   498 C CD2 . LEU A 1 69 ? 22.099  18.660  1.880   1.00 48.05  ? 66  LEU A CD2 1 
ATOM   499 N N   . LEU A 1 70 ? 22.065  14.050  4.691   1.00 46.27  ? 67  LEU A N   1 
ATOM   500 C CA  . LEU A 1 70 ? 22.474  13.326  5.909   1.00 53.06  ? 67  LEU A CA  1 
ATOM   501 C C   . LEU A 1 70 ? 23.771  12.558  5.672   1.00 61.20  ? 67  LEU A C   1 
ATOM   502 O O   . LEU A 1 70 ? 24.653  12.481  6.558   1.00 64.81  ? 67  LEU A O   1 
ATOM   503 C CB  . LEU A 1 70 ? 21.378  12.362  6.370   1.00 50.38  ? 67  LEU A CB  1 
ATOM   504 C CG  . LEU A 1 70 ? 20.271  13.047  7.184   1.00 55.20  ? 67  LEU A CG  1 
ATOM   505 C CD1 . LEU A 1 70 ? 19.153  12.066  7.494   1.00 57.13  ? 67  LEU A CD1 1 
ATOM   506 C CD2 . LEU A 1 70 ? 20.810  13.666  8.490   1.00 57.75  ? 67  LEU A CD2 1 
ATOM   507 N N   . SER A 1 71 ? 23.896  12.012  4.458   1.00 61.84  ? 68  SER A N   1 
ATOM   508 C CA  . SER A 1 71 ? 25.083  11.260  4.063   1.00 56.98  ? 68  SER A CA  1 
ATOM   509 C C   . SER A 1 71 ? 26.284  12.165  3.979   1.00 59.25  ? 68  SER A C   1 
ATOM   510 O O   . SER A 1 71 ? 27.370  11.830  4.432   1.00 57.85  ? 68  SER A O   1 
ATOM   511 C CB  . SER A 1 71 ? 24.865  10.612  2.712   1.00 62.18  ? 68  SER A CB  1 
ATOM   512 O OG  . SER A 1 71 ? 24.076  9.446   2.865   1.00 72.28  ? 68  SER A OG  1 
ATOM   513 N N   . TYR A 1 72 ? 26.099  13.320  3.382   1.00 55.25  ? 69  TYR A N   1 
ATOM   514 C CA  . TYR A 1 72 ? 27.191  14.240  3.294   1.00 60.09  ? 69  TYR A CA  1 
ATOM   515 C C   . TYR A 1 72 ? 27.483  14.834  4.685   1.00 61.55  ? 69  TYR A C   1 
ATOM   516 O O   . TYR A 1 72 ? 28.609  15.182  4.979   1.00 67.98  ? 69  TYR A O   1 
ATOM   517 C CB  . TYR A 1 72 ? 26.866  15.254  2.230   1.00 55.16  ? 69  TYR A CB  1 
ATOM   518 C CG  . TYR A 1 72 ? 27.542  16.558  2.369   1.00 58.62  ? 69  TYR A CG  1 
ATOM   519 C CD1 . TYR A 1 72 ? 28.887  16.730  2.047   1.00 56.91  ? 69  TYR A CD1 1 
ATOM   520 C CD2 . TYR A 1 72 ? 26.807  17.659  2.773   1.00 64.18  ? 69  TYR A CD2 1 
ATOM   521 C CE1 . TYR A 1 72 ? 29.486  17.993  2.164   1.00 68.04  ? 69  TYR A CE1 1 
ATOM   522 C CE2 . TYR A 1 72 ? 27.372  18.906  2.902   1.00 65.16  ? 69  TYR A CE2 1 
ATOM   523 C CZ  . TYR A 1 72 ? 28.696  19.089  2.601   1.00 72.48  ? 69  TYR A CZ  1 
ATOM   524 O OH  . TYR A 1 72 ? 29.145  20.392  2.754   1.00 81.85  ? 69  TYR A OH  1 
ATOM   525 N N   . LEU A 1 73 ? 26.494  14.878  5.566   1.00 61.55  ? 70  LEU A N   1 
ATOM   526 C CA  . LEU A 1 73 ? 26.716  15.402  6.915   1.00 60.06  ? 70  LEU A CA  1 
ATOM   527 C C   . LEU A 1 73 ? 27.503  14.434  7.805   1.00 58.57  ? 70  LEU A C   1 
ATOM   528 O O   . LEU A 1 73 ? 28.436  14.850  8.480   1.00 54.15  ? 70  LEU A O   1 
ATOM   529 C CB  . LEU A 1 73 ? 25.379  15.725  7.576   1.00 58.59  ? 70  LEU A CB  1 
ATOM   530 C CG  . LEU A 1 73 ? 25.484  16.493  8.897   1.00 57.31  ? 70  LEU A CG  1 
ATOM   531 C CD1 . LEU A 1 73 ? 26.257  17.773  8.635   1.00 55.59  ? 70  LEU A CD1 1 
ATOM   532 C CD2 . LEU A 1 73 ? 24.109  16.761  9.506   1.00 51.22  ? 70  LEU A CD2 1 
ATOM   533 N N   . LYS A 1 74 ? 27.106  13.159  7.837   1.00 63.27  ? 71  LYS A N   1 
ATOM   534 C CA  . LYS A 1 74 ? 27.960  12.087  8.404   1.00 72.37  ? 71  LYS A CA  1 
ATOM   535 C C   . LYS A 1 74 ? 29.446  12.329  8.130   1.00 71.61  ? 71  LYS A C   1 
ATOM   536 O O   . LYS A 1 74 ? 30.304  12.233  9.014   1.00 74.31  ? 71  LYS A O   1 
ATOM   537 C CB  . LYS A 1 74 ? 27.679  10.755  7.713   1.00 74.60  ? 71  LYS A CB  1 
ATOM   538 C CG  . LYS A 1 74 ? 26.416  9.993   8.076   1.00 81.25  ? 71  LYS A CG  1 
ATOM   539 C CD  . LYS A 1 74 ? 26.515  8.561   7.529   1.00 77.76  ? 71  LYS A CD  1 
ATOM   540 C CE  . LYS A 1 74 ? 25.200  8.008   6.986   1.00 86.34  ? 71  LYS A CE  1 
ATOM   541 N NZ  . LYS A 1 74 ? 25.431  6.785   6.150   1.00 95.45  ? 71  LYS A NZ  1 
ATOM   542 N N   . ARG A 1 75 ? 29.707  12.616  6.861   1.00 64.44  ? 72  ARG A N   1 
ATOM   543 C CA  . ARG A 1 75 ? 31.017  12.552  6.258   1.00 71.28  ? 72  ARG A CA  1 
ATOM   544 C C   . ARG A 1 75 ? 31.774  13.827  6.518   1.00 65.36  ? 72  ARG A C   1 
ATOM   545 O O   . ARG A 1 75 ? 32.948  13.800  6.836   1.00 76.10  ? 72  ARG A O   1 
ATOM   546 C CB  . ARG A 1 75 ? 30.850  12.365  4.741   1.00 74.86  ? 72  ARG A CB  1 
ATOM   547 C CG  . ARG A 1 75 ? 32.070  11.892  3.983   1.00 78.69  ? 72  ARG A CG  1 
ATOM   548 C CD  . ARG A 1 75 ? 31.863  10.492  3.396   1.00 86.68  ? 72  ARG A CD  1 
ATOM   549 N NE  . ARG A 1 75 ? 33.141  9.789   3.170   1.00 94.85  ? 72  ARG A NE  1 
ATOM   550 C CZ  . ARG A 1 75 ? 33.265  8.520   2.761   1.00 95.52  ? 72  ARG A CZ  1 
ATOM   551 N NH1 . ARG A 1 75 ? 32.194  7.763   2.506   1.00 87.31  ? 72  ARG A NH1 1 
ATOM   552 N NH2 . ARG A 1 75 ? 34.481  7.996   2.604   1.00 105.70 ? 72  ARG A NH2 1 
ATOM   553 N N   . LYS A 1 76 ? 31.108  14.950  6.332   1.00 69.80  ? 73  LYS A N   1 
ATOM   554 C CA  . LYS A 1 76 ? 31.712  16.244  6.595   1.00 76.59  ? 73  LYS A CA  1 
ATOM   555 C C   . LYS A 1 76 ? 31.801  16.522  8.129   1.00 78.66  ? 73  LYS A C   1 
ATOM   556 O O   . LYS A 1 76 ? 32.845  16.980  8.596   1.00 79.03  ? 73  LYS A O   1 
ATOM   557 C CB  . LYS A 1 76 ? 30.947  17.325  5.824   1.00 77.30  ? 73  LYS A CB  1 
ATOM   558 C CG  . LYS A 1 76 ? 31.326  18.774  6.106   1.00 88.97  ? 73  LYS A CG  1 
ATOM   559 C CD  . LYS A 1 76 ? 30.040  19.605  6.125   1.00 106.66 ? 73  LYS A CD  1 
ATOM   560 C CE  . LYS A 1 76 ? 30.233  21.088  6.425   1.00 114.99 ? 73  LYS A CE  1 
ATOM   561 N NZ  . LYS A 1 76 ? 28.949  21.816  6.183   1.00 114.64 ? 73  LYS A NZ  1 
ATOM   562 N N   . ASP A 1 77 ? 30.742  16.236  8.901   1.00 77.80  ? 74  ASP A N   1 
ATOM   563 C CA  . ASP A 1 77 ? 30.750  16.444  10.380  1.00 74.30  ? 74  ASP A CA  1 
ATOM   564 C C   . ASP A 1 77 ? 29.912  15.429  11.153  1.00 69.40  ? 74  ASP A C   1 
ATOM   565 O O   . ASP A 1 77 ? 28.718  15.641  11.431  1.00 73.45  ? 74  ASP A O   1 
ATOM   566 C CB  . ASP A 1 77 ? 30.262  17.843  10.746  1.00 83.93  ? 74  ASP A CB  1 
ATOM   567 C CG  . ASP A 1 77 ? 30.386  18.138  12.255  1.00 98.48  ? 74  ASP A CG  1 
ATOM   568 O OD1 . ASP A 1 77 ? 30.144  17.229  13.098  1.00 102.73 ? 74  ASP A OD1 1 
ATOM   569 O OD2 . ASP A 1 77 ? 30.719  19.298  12.593  1.00 103.06 ? 74  ASP A OD2 1 
ATOM   570 N N   . TYR A 1 78 ? 30.545  14.330  11.531  1.00 60.24  ? 75  TYR A N   1 
ATOM   571 C CA  . TYR A 1 78 ? 29.804  13.253  12.087  1.00 55.87  ? 75  TYR A CA  1 
ATOM   572 C C   . TYR A 1 78 ? 29.164  13.595  13.440  1.00 60.02  ? 75  TYR A C   1 
ATOM   573 O O   . TYR A 1 78 ? 28.115  13.053  13.797  1.00 57.06  ? 75  TYR A O   1 
ATOM   574 C CB  . TYR A 1 78 ? 30.686  12.046  12.242  1.00 51.41  ? 75  TYR A CB  1 
ATOM   575 C CG  . TYR A 1 78 ? 29.855  10.882  12.698  1.00 53.89  ? 75  TYR A CG  1 
ATOM   576 C CD1 . TYR A 1 78 ? 29.215  10.076  11.782  1.00 55.47  ? 75  TYR A CD1 1 
ATOM   577 C CD2 . TYR A 1 78 ? 29.664  10.622  14.040  1.00 56.16  ? 75  TYR A CD2 1 
ATOM   578 C CE1 . TYR A 1 78 ? 28.426  9.013   12.183  1.00 57.07  ? 75  TYR A CE1 1 
ATOM   579 C CE2 . TYR A 1 78 ? 28.881  9.549   14.462  1.00 60.01  ? 75  TYR A CE2 1 
ATOM   580 C CZ  . TYR A 1 78 ? 28.252  8.744   13.535  1.00 60.50  ? 75  TYR A CZ  1 
ATOM   581 O OH  . TYR A 1 78 ? 27.439  7.668   13.937  1.00 60.79  ? 75  TYR A OH  1 
ATOM   582 N N   . ASN A 1 79 ? 29.834  14.435  14.217  1.00 60.85  ? 76  ASN A N   1 
ATOM   583 C CA  . ASN A 1 79 ? 29.342  14.762  15.535  1.00 68.07  ? 76  ASN A CA  1 
ATOM   584 C C   . ASN A 1 79 ? 27.974  15.448  15.392  1.00 72.22  ? 76  ASN A C   1 
ATOM   585 O O   . ASN A 1 79 ? 26.950  14.965  15.895  1.00 68.85  ? 76  ASN A O   1 
ATOM   586 C CB  . ASN A 1 79 ? 30.350  15.658  16.279  1.00 71.91  ? 76  ASN A CB  1 
ATOM   587 C CG  . ASN A 1 79 ? 29.783  16.224  17.585  1.00 77.46  ? 76  ASN A CG  1 
ATOM   588 O OD1 . ASN A 1 79 ? 29.092  15.525  18.341  1.00 68.29  ? 76  ASN A OD1 1 
ATOM   589 N ND2 . ASN A 1 79 ? 30.065  17.497  17.847  1.00 76.03  ? 76  ASN A ND2 1 
ATOM   590 N N   . SER A 1 80 ? 27.977  16.563  14.668  1.00 66.97  ? 77  SER A N   1 
ATOM   591 C CA  . SER A 1 80 ? 26.766  17.306  14.373  1.00 64.34  ? 77  SER A CA  1 
ATOM   592 C C   . SER A 1 80 ? 25.697  16.431  13.741  1.00 63.96  ? 77  SER A C   1 
ATOM   593 O O   . SER A 1 80 ? 24.526  16.530  14.061  1.00 60.59  ? 77  SER A O   1 
ATOM   594 C CB  . SER A 1 80 ? 27.094  18.415  13.412  1.00 63.21  ? 77  SER A CB  1 
ATOM   595 O OG  . SER A 1 80 ? 25.904  18.887  12.829  1.00 79.00  ? 77  SER A OG  1 
ATOM   596 N N   . TYR A 1 81 ? 26.127  15.576  12.829  1.00 62.53  ? 78  TYR A N   1 
ATOM   597 C CA  . TYR A 1 81 ? 25.250  14.625  12.208  1.00 55.25  ? 78  TYR A CA  1 
ATOM   598 C C   . TYR A 1 81 ? 24.530  13.757  13.220  1.00 53.03  ? 78  TYR A C   1 
ATOM   599 O O   . TYR A 1 81 ? 23.341  13.577  13.159  1.00 56.12  ? 78  TYR A O   1 
ATOM   600 C CB  . TYR A 1 81 ? 26.074  13.745  11.273  1.00 56.39  ? 78  TYR A CB  1 
ATOM   601 C CG  . TYR A 1 81 ? 25.337  12.517  10.959  1.00 52.54  ? 78  TYR A CG  1 
ATOM   602 C CD1 . TYR A 1 81 ? 24.350  12.519  10.008  1.00 58.01  ? 78  TYR A CD1 1 
ATOM   603 C CD2 . TYR A 1 81 ? 25.580  11.374  11.633  1.00 57.63  ? 78  TYR A CD2 1 
ATOM   604 C CE1 . TYR A 1 81 ? 23.627  11.383  9.711   1.00 54.53  ? 78  TYR A CE1 1 
ATOM   605 C CE2 . TYR A 1 81 ? 24.862  10.231  11.357  1.00 57.13  ? 78  TYR A CE2 1 
ATOM   606 C CZ  . TYR A 1 81 ? 23.892  10.248  10.386  1.00 57.68  ? 78  TYR A CZ  1 
ATOM   607 O OH  . TYR A 1 81 ? 23.183  9.111   10.109  1.00 62.06  ? 78  TYR A OH  1 
ATOM   608 N N   . SER A 1 82 ? 25.269  13.161  14.131  1.00 60.07  ? 79  SER A N   1 
ATOM   609 C CA  . SER A 1 82 ? 24.663  12.332  15.177  1.00 66.96  ? 79  SER A CA  1 
ATOM   610 C C   . SER A 1 82 ? 23.807  13.138  16.183  1.00 68.71  ? 79  SER A C   1 
ATOM   611 O O   . SER A 1 82 ? 22.830  12.637  16.736  1.00 69.30  ? 79  SER A O   1 
ATOM   612 C CB  . SER A 1 82 ? 25.765  11.621  15.963  1.00 72.02  ? 79  SER A CB  1 
ATOM   613 O OG  . SER A 1 82 ? 26.604  12.596  16.576  1.00 74.24  ? 79  SER A OG  1 
ATOM   614 N N   . LYS A 1 83 ? 24.208  14.367  16.459  1.00 65.45  ? 80  LYS A N   1 
ATOM   615 C CA  . LYS A 1 83 ? 23.394  15.262  17.276  1.00 69.64  ? 80  LYS A CA  1 
ATOM   616 C C   . LYS A 1 83 ? 22.069  15.592  16.576  1.00 68.72  ? 80  LYS A C   1 
ATOM   617 O O   . LYS A 1 83 ? 21.008  15.645  17.188  1.00 65.68  ? 80  LYS A O   1 
ATOM   618 C CB  . LYS A 1 83 ? 24.163  16.571  17.542  1.00 76.27  ? 80  LYS A CB  1 
ATOM   619 C CG  . LYS A 1 83 ? 25.234  16.480  18.623  1.00 78.83  ? 80  LYS A CG  1 
ATOM   620 C CD  . LYS A 1 83 ? 26.028  17.780  18.742  1.00 86.07  ? 80  LYS A CD  1 
ATOM   621 C CE  . LYS A 1 83 ? 25.429  18.730  19.770  1.00 97.53  ? 80  LYS A CE  1 
ATOM   622 N NZ  . LYS A 1 83 ? 26.430  19.730  20.255  1.00 108.47 ? 80  LYS A NZ  1 
ATOM   623 N N   . LEU A 1 84 ? 22.146  15.815  15.274  1.00 70.50  ? 81  LEU A N   1 
ATOM   624 C CA  . LEU A 1 84 ? 20.984  16.189  14.479  1.00 67.74  ? 81  LEU A CA  1 
ATOM   625 C C   . LEU A 1 84 ? 19.949  15.074  14.372  1.00 64.30  ? 81  LEU A C   1 
ATOM   626 O O   . LEU A 1 84 ? 18.757  15.332  14.492  1.00 70.21  ? 81  LEU A O   1 
ATOM   627 C CB  . LEU A 1 84 ? 21.430  16.609  13.068  1.00 76.33  ? 81  LEU A CB  1 
ATOM   628 C CG  . LEU A 1 84 ? 20.411  17.083  12.011  1.00 76.94  ? 81  LEU A CG  1 
ATOM   629 C CD1 . LEU A 1 84 ? 19.894  18.480  12.344  1.00 76.37  ? 81  LEU A CD1 1 
ATOM   630 C CD2 . LEU A 1 84 ? 21.010  17.059  10.604  1.00 80.35  ? 81  LEU A CD2 1 
ATOM   631 N N   . ILE A 1 85 ? 20.368  13.842  14.126  1.00 62.25  ? 82  ILE A N   1 
ATOM   632 C CA  . ILE A 1 85 ? 19.371  12.770  13.937  1.00 69.49  ? 82  ILE A CA  1 
ATOM   633 C C   . ILE A 1 85 ? 18.713  12.356  15.270  1.00 72.52  ? 82  ILE A C   1 
ATOM   634 O O   . ILE A 1 85 ? 17.626  11.759  15.293  1.00 73.04  ? 82  ILE A O   1 
ATOM   635 C CB  . ILE A 1 85 ? 19.961  11.574  13.183  1.00 68.07  ? 82  ILE A CB  1 
ATOM   636 C CG1 . ILE A 1 85 ? 21.198  11.060  13.889  1.00 72.93  ? 82  ILE A CG1 1 
ATOM   637 C CG2 . ILE A 1 85 ? 20.329  11.970  11.752  1.00 70.45  ? 82  ILE A CG2 1 
ATOM   638 C CD1 . ILE A 1 85 ? 21.483  9.619   13.524  1.00 74.32  ? 82  ILE A CD1 1 
ATOM   639 N N   . THR A 1 86 ? 19.386  12.709  16.367  1.00 74.10  ? 83  THR A N   1 
ATOM   640 C CA  . THR A 1 86 ? 18.857  12.591  17.719  1.00 80.73  ? 83  THR A CA  1 
ATOM   641 C C   . THR A 1 86 ? 17.751  13.620  17.967  1.00 84.59  ? 83  THR A C   1 
ATOM   642 O O   . THR A 1 86 ? 16.646  13.249  18.382  1.00 94.45  ? 83  THR A O   1 
ATOM   643 C CB  . THR A 1 86 ? 19.979  12.801  18.758  1.00 89.16  ? 83  THR A CB  1 
ATOM   644 O OG1 . THR A 1 86 ? 20.886  11.696  18.703  1.00 90.34  ? 83  THR A OG1 1 
ATOM   645 C CG2 . THR A 1 86 ? 19.420  12.936  20.190  1.00 95.42  ? 83  THR A CG2 1 
ATOM   646 N N   . GLU A 1 87 ? 18.051  14.899  17.714  1.00 77.59  ? 84  GLU A N   1 
ATOM   647 C CA  . GLU A 1 87 ? 17.066  15.993  17.859  1.00 76.55  ? 84  GLU A CA  1 
ATOM   648 C C   . GLU A 1 87 ? 15.838  15.869  16.955  1.00 69.23  ? 84  GLU A C   1 
ATOM   649 O O   . GLU A 1 87 ? 14.791  16.420  17.269  1.00 79.14  ? 84  GLU A O   1 
ATOM   650 C CB  . GLU A 1 87 ? 17.723  17.359  17.614  1.00 75.97  ? 84  GLU A CB  1 
ATOM   651 C CG  . GLU A 1 87 ? 16.815  18.560  17.879  1.00 83.76  ? 84  GLU A CG  1 
ATOM   652 C CD  . GLU A 1 87 ? 16.295  18.642  19.317  1.00 96.99  ? 84  GLU A CD  1 
ATOM   653 O OE1 . GLU A 1 87 ? 17.103  18.950  20.230  1.00 96.35  ? 84  GLU A OE1 1 
ATOM   654 O OE2 . GLU A 1 87 ? 15.078  18.423  19.536  1.00 92.55  ? 84  GLU A OE2 1 
ATOM   655 N N   . LEU A 1 88 ? 15.967  15.160  15.841  1.00 65.07  ? 85  LEU A N   1 
ATOM   656 C CA  . LEU A 1 88 ? 14.853  14.934  14.933  1.00 67.76  ? 85  LEU A CA  1 
ATOM   657 C C   . LEU A 1 88 ? 14.218  13.559  15.065  1.00 72.26  ? 85  LEU A C   1 
ATOM   658 O O   . LEU A 1 88 ? 13.323  13.227  14.296  1.00 74.39  ? 85  LEU A O   1 
ATOM   659 C CB  . LEU A 1 88 ? 15.325  15.112  13.494  1.00 67.74  ? 85  LEU A CB  1 
ATOM   660 C CG  . LEU A 1 88 ? 15.876  16.511  13.214  1.00 71.00  ? 85  LEU A CG  1 
ATOM   661 C CD1 . LEU A 1 88 ? 16.296  16.582  11.752  1.00 68.17  ? 85  LEU A CD1 1 
ATOM   662 C CD2 . LEU A 1 88 ? 14.874  17.618  13.556  1.00 69.83  ? 85  LEU A CD2 1 
ATOM   663 N N   . ASN A 1 89 ? 14.680  12.752  16.016  1.00 76.87  ? 86  ASN A N   1 
ATOM   664 C CA  . ASN A 1 89 ? 14.102  11.426  16.232  1.00 83.10  ? 86  ASN A CA  1 
ATOM   665 C C   . ASN A 1 89 ? 14.081  10.685  14.920  1.00 81.79  ? 86  ASN A C   1 
ATOM   666 O O   . ASN A 1 89 ? 13.028  10.255  14.469  1.00 85.12  ? 86  ASN A O   1 
ATOM   667 C CB  . ASN A 1 89 ? 12.679  11.514  16.802  1.00 82.81  ? 86  ASN A CB  1 
ATOM   668 C CG  . ASN A 1 89 ? 12.558  12.548  17.906  1.00 94.84  ? 86  ASN A CG  1 
ATOM   669 O OD1 . ASN A 1 89 ? 13.447  12.677  18.756  1.00 95.28  ? 86  ASN A OD1 1 
ATOM   670 N ND2 . ASN A 1 89 ? 11.462  13.312  17.889  1.00 99.74  ? 86  ASN A ND2 1 
ATOM   671 N N   . LEU A 1 90 ? 15.253  10.580  14.299  1.00 80.41  ? 87  LEU A N   1 
ATOM   672 C CA  . LEU A 1 90 ? 15.401  9.875   13.049  1.00 79.06  ? 87  LEU A CA  1 
ATOM   673 C C   . LEU A 1 90 ? 16.096  8.545   13.303  1.00 86.22  ? 87  LEU A C   1 
ATOM   674 O O   . LEU A 1 90 ? 16.160  7.701   12.406  1.00 84.45  ? 87  LEU A O   1 
ATOM   675 C CB  . LEU A 1 90 ? 16.227  10.705  12.076  1.00 82.11  ? 87  LEU A CB  1 
ATOM   676 C CG  . LEU A 1 90 ? 15.564  11.887  11.378  1.00 82.50  ? 87  LEU A CG  1 
ATOM   677 C CD1 . LEU A 1 90 ? 16.584  12.581  10.492  1.00 79.11  ? 87  LEU A CD1 1 
ATOM   678 C CD2 . LEU A 1 90 ? 14.375  11.427  10.552  1.00 83.67  ? 87  LEU A CD2 1 
HETATM 679 O O   . HOH B 2 .  ? -10.245 -19.612 -13.592 1.00 62.74  ? 101 HOH A O   1 
HETATM 680 O O   . HOH B 2 .  ? 4.558   -0.277  1.438   1.00 82.04  ? 102 HOH A O   1 
HETATM 681 O O   . HOH B 2 .  ? 2.070   -1.709  2.090   1.00 81.18  ? 103 HOH A O   1 
HETATM 682 O O   . HOH B 2 .  ? 6.466   -2.144  -0.175  1.00 77.20  ? 104 HOH A O   1 
# 
loop_
_pdbx_poly_seq_scheme.asym_id 
_pdbx_poly_seq_scheme.entity_id 
_pdbx_poly_seq_scheme.seq_id 
_pdbx_poly_seq_scheme.mon_id 
_pdbx_poly_seq_scheme.ndb_seq_num 
_pdbx_poly_seq_scheme.pdb_seq_num 
_pdbx_poly_seq_scheme.auth_seq_num 
_pdbx_poly_seq_scheme.pdb_mon_id 
_pdbx_poly_seq_scheme.auth_mon_id 
_pdbx_poly_seq_scheme.pdb_strand_id 
_pdbx_poly_seq_scheme.pdb_ins_code 
_pdbx_poly_seq_scheme.hetero 
A 1 1  SER 1  -2 ?  ?   ?   A . n 
A 1 2  ASN 2  -1 ?  ?   ?   A . n 
A 1 3  ALA 3  0  ?  ?   ?   A . n 
A 1 4  MET 4  1  ?  ?   ?   A . n 
A 1 5  ALA 5  2  ?  ?   ?   A . n 
A 1 6  LEU 6  3  3  LEU LEU A . n 
A 1 7  ASP 7  4  4  ASP ASP A . n 
A 1 8  SER 8  5  5  SER SER A . n 
A 1 9  ALA 9  6  6  ALA ALA A . n 
A 1 10 LYS 10 7  7  LYS LYS A . n 
A 1 11 LYS 11 8  8  LYS LYS A . n 
A 1 12 ALA 12 9  9  ALA ALA A . n 
A 1 13 GLU 13 10 10 GLU GLU A . n 
A 1 14 ILE 14 11 11 ILE ILE A . n 
A 1 15 VAL 15 12 12 VAL VAL A . n 
A 1 16 ALA 16 13 13 ALA ALA A . n 
A 1 17 LYS 17 14 14 LYS LYS A . n 
A 1 18 PHE 18 15 15 PHE PHE A . n 
A 1 19 ALA 19 16 16 ALA ALA A . n 
A 1 20 LYS 20 17 17 LYS LYS A . n 
A 1 21 LYS 21 18 18 LYS LYS A . n 
A 1 22 PRO 22 19 19 PRO PRO A . n 
A 1 23 GLY 23 20 20 GLY GLY A . n 
A 1 24 ASP 24 21 21 ASP ASP A . n 
A 1 25 THR 25 22 22 THR THR A . n 
A 1 26 GLY 26 23 23 GLY GLY A . n 
A 1 27 SER 27 24 24 SER SER A . n 
A 1 28 THR 28 25 25 THR THR A . n 
A 1 29 GLU 29 26 26 GLU GLU A . n 
A 1 30 VAL 30 27 27 VAL VAL A . n 
A 1 31 GLN 31 28 28 GLN GLN A . n 
A 1 32 VAL 32 29 29 VAL VAL A . n 
A 1 33 ALA 33 30 30 ALA ALA A . n 
A 1 34 LEU 34 31 31 LEU LEU A . n 
A 1 35 LEU 35 32 32 LEU LEU A . n 
A 1 36 THR 36 33 33 THR THR A . n 
A 1 37 ALA 37 34 34 ALA ALA A . n 
A 1 38 ARG 38 35 35 ARG ARG A . n 
A 1 39 ILE 39 36 36 ILE ILE A . n 
A 1 40 ALA 40 37 37 ALA ALA A . n 
A 1 41 GLU 41 38 38 GLU GLU A . n 
A 1 42 LEU 42 39 39 LEU LEU A . n 
A 1 43 THR 43 40 40 THR THR A . n 
A 1 44 GLU 44 41 41 GLU GLU A . n 
A 1 45 HIS 45 42 42 HIS HIS A . n 
A 1 46 LEU 46 43 43 LEU LEU A . n 
A 1 47 LYS 47 44 44 LYS LYS A . n 
A 1 48 ILE 48 45 45 ILE ILE A . n 
A 1 49 TYR 49 46 46 TYR TYR A . n 
A 1 50 LYS 50 47 47 LYS LYS A . n 
A 1 51 LYS 51 48 48 LYS LYS A . n 
A 1 52 ASP 52 49 49 ASP ASP A . n 
A 1 53 PHE 53 50 50 PHE PHE A . n 
A 1 54 SER 54 51 51 SER SER A . n 
A 1 55 SER 55 52 52 SER SER A . n 
A 1 56 ARG 56 53 53 ARG ARG A . n 
A 1 57 LEU 57 54 54 LEU LEU A . n 
A 1 58 GLY 58 55 55 GLY GLY A . n 
A 1 59 LEU 59 56 56 LEU LEU A . n 
A 1 60 LEU 60 57 57 LEU LEU A . n 
A 1 61 LYS 61 58 58 LYS LYS A . n 
A 1 62 LEU 62 59 59 LEU LEU A . n 
A 1 63 VAL 63 60 60 VAL VAL A . n 
A 1 64 GLY 64 61 61 GLY GLY A . n 
A 1 65 GLN 65 62 62 GLN GLN A . n 
A 1 66 ARG 66 63 63 ARG ARG A . n 
A 1 67 LYS 67 64 64 LYS LYS A . n 
A 1 68 ARG 68 65 65 ARG ARG A . n 
A 1 69 LEU 69 66 66 LEU LEU A . n 
A 1 70 LEU 70 67 67 LEU LEU A . n 
A 1 71 SER 71 68 68 SER SER A . n 
A 1 72 TYR 72 69 69 TYR TYR A . n 
A 1 73 LEU 73 70 70 LEU LEU A . n 
A 1 74 LYS 74 71 71 LYS LYS A . n 
A 1 75 ARG 75 72 72 ARG ARG A . n 
A 1 76 LYS 76 73 73 LYS LYS A . n 
A 1 77 ASP 77 74 74 ASP ASP A . n 
A 1 78 TYR 78 75 75 TYR TYR A . n 
A 1 79 ASN 79 76 76 ASN ASN A . n 
A 1 80 SER 80 77 77 SER SER A . n 
A 1 81 TYR 81 78 78 TYR TYR A . n 
A 1 82 SER 82 79 79 SER SER A . n 
A 1 83 LYS 83 80 80 LYS LYS A . n 
A 1 84 LEU 84 81 81 LEU LEU A . n 
A 1 85 ILE 85 82 82 ILE ILE A . n 
A 1 86 THR 86 83 83 THR THR A . n 
A 1 87 GLU 87 84 84 GLU GLU A . n 
A 1 88 LEU 88 85 85 LEU LEU A . n 
A 1 89 ASN 89 86 86 ASN ASN A . n 
A 1 90 LEU 90 87 87 LEU LEU A . n 
A 1 91 ARG 91 88 ?  ?   ?   A . n 
A 1 92 ASP 92 89 ?  ?   ?   A . n 
A 1 93 LYS 93 90 ?  ?   ?   A . n 
# 
_pdbx_SG_project.id                    1 
_pdbx_SG_project.project_name          'NIAID, National Institute of Allergy and Infectious Diseases' 
_pdbx_SG_project.full_name_of_center   'Center for Structural Genomics of Infectious Diseases' 
_pdbx_SG_project.initial_of_center     CSGID 
# 
loop_
_pdbx_nonpoly_scheme.asym_id 
_pdbx_nonpoly_scheme.entity_id 
_pdbx_nonpoly_scheme.mon_id 
_pdbx_nonpoly_scheme.ndb_seq_num 
_pdbx_nonpoly_scheme.pdb_seq_num 
_pdbx_nonpoly_scheme.auth_seq_num 
_pdbx_nonpoly_scheme.pdb_mon_id 
_pdbx_nonpoly_scheme.auth_mon_id 
_pdbx_nonpoly_scheme.pdb_strand_id 
_pdbx_nonpoly_scheme.pdb_ins_code 
B 2 HOH 1 101 1  HOH HOH A . 
B 2 HOH 2 102 12 HOH HOH A . 
B 2 HOH 3 103 13 HOH HOH A . 
B 2 HOH 4 104 30 HOH HOH A . 
# 
loop_
_pdbx_struct_assembly.id 
_pdbx_struct_assembly.details 
_pdbx_struct_assembly.method_details 
_pdbx_struct_assembly.oligomeric_details 
_pdbx_struct_assembly.oligomeric_count 
1 author_defined_assembly   ?    monomeric  1 
2 software_defined_assembly PISA dimeric    2 
3 software_defined_assembly PISA tetrameric 4 
# 
loop_
_pdbx_struct_assembly_gen.assembly_id 
_pdbx_struct_assembly_gen.oper_expression 
_pdbx_struct_assembly_gen.asym_id_list 
1 1       A,B 
2 1,2     A,B 
3 1,3,2,4 A,B 
# 
loop_
_pdbx_struct_assembly_prop.biol_id 
_pdbx_struct_assembly_prop.type 
_pdbx_struct_assembly_prop.value 
_pdbx_struct_assembly_prop.details 
2 'ABSA (A^2)' 3230  ? 
2 MORE         -33   ? 
2 'SSA (A^2)'  11650 ? 
3 'ABSA (A^2)' 8540  ? 
3 MORE         -76   ? 
3 'SSA (A^2)'  21220 ? 
# 
loop_
_pdbx_struct_oper_list.id 
_pdbx_struct_oper_list.type 
_pdbx_struct_oper_list.name 
_pdbx_struct_oper_list.symmetry_operation 
_pdbx_struct_oper_list.matrix[1][1] 
_pdbx_struct_oper_list.matrix[1][2] 
_pdbx_struct_oper_list.matrix[1][3] 
_pdbx_struct_oper_list.vector[1] 
_pdbx_struct_oper_list.matrix[2][1] 
_pdbx_struct_oper_list.matrix[2][2] 
_pdbx_struct_oper_list.matrix[2][3] 
_pdbx_struct_oper_list.vector[2] 
_pdbx_struct_oper_list.matrix[3][1] 
_pdbx_struct_oper_list.matrix[3][2] 
_pdbx_struct_oper_list.matrix[3][3] 
_pdbx_struct_oper_list.vector[3] 
1 'identity operation'         1_555 x,y,z       1.0000000000  0.0000000000  0.0000000000  0.0000000000   0.0000000000  1.0000000000  0.0000000000  0.0000000000  0.0000000000  0.0000000000  1.0000000000  0.0000000000  
2 'crystal symmetry operation' 3_656 -x+1,y,-z+1 -0.1590273685 -0.8611247468 0.4828814208  1.1514972792   -0.8611247468 -0.1182402355 -0.4944526440 5.0008265844  0.4828814208  -0.4944526440 -0.7227323961 6.9125828528  
3 'crystal symmetry operation' 2_655 -x+1,-y,z   0.0075923052  0.9995854707  0.0277712753  -17.3669025176 0.9995854707  -0.0083577376 0.0275505908  17.5611560136 0.0277712753  0.0275505908  -0.9992345677 -1.9847506649 
4 'crystal symmetry operation' 4_556 x,-y,-z+1   -0.8485649368 -0.1384607239 -0.5106526961 -12.1674351621 -0.1384607239 -0.8734020270 0.4669020532  18.8608261090 -0.5106526961 0.4669020532  0.7219669637  -8.7222881282 
# 
loop_
_pdbx_audit_revision_history.ordinal 
_pdbx_audit_revision_history.data_content_type 
_pdbx_audit_revision_history.major_revision 
_pdbx_audit_revision_history.minor_revision 
_pdbx_audit_revision_history.revision_date 
1 'Structure model' 1 0 2013-02-06 
2 'Structure model' 1 1 2017-11-15 
3 'Structure model' 1 2 2023-09-20 
# 
_pdbx_audit_revision_details.ordinal             1 
_pdbx_audit_revision_details.revision_ordinal    1 
_pdbx_audit_revision_details.data_content_type   'Structure model' 
_pdbx_audit_revision_details.provider            repository 
_pdbx_audit_revision_details.type                'Initial release' 
_pdbx_audit_revision_details.description         ? 
_pdbx_audit_revision_details.details             ? 
# 
loop_
_pdbx_audit_revision_group.ordinal 
_pdbx_audit_revision_group.revision_ordinal 
_pdbx_audit_revision_group.data_content_type 
_pdbx_audit_revision_group.group 
1 2 'Structure model' 'Refinement description' 
2 3 'Structure model' 'Data collection'        
3 3 'Structure model' 'Database references'    
4 3 'Structure model' 'Refinement description' 
# 
loop_
_pdbx_audit_revision_category.ordinal 
_pdbx_audit_revision_category.revision_ordinal 
_pdbx_audit_revision_category.data_content_type 
_pdbx_audit_revision_category.category 
1 2 'Structure model' software                      
2 3 'Structure model' chem_comp_atom                
3 3 'Structure model' chem_comp_bond                
4 3 'Structure model' database_2                    
5 3 'Structure model' pdbx_initial_refinement_model 
6 3 'Structure model' struct_ref_seq_dif            
# 
loop_
_pdbx_audit_revision_item.ordinal 
_pdbx_audit_revision_item.revision_ordinal 
_pdbx_audit_revision_item.data_content_type 
_pdbx_audit_revision_item.item 
1 3 'Structure model' '_database_2.pdbx_DOI'                
2 3 'Structure model' '_database_2.pdbx_database_accession' 
3 3 'Structure model' '_struct_ref_seq_dif.details'         
# 
loop_
_software.pdbx_ordinal 
_software.name 
_software.version 
_software.date 
_software.type 
_software.contact_author 
_software.contact_author_email 
_software.classification 
_software.location 
_software.language 
_software.citation_id 
1 DENZO       .        ?                package 'Zbyszek Otwinowski' hkl@hkl-xray.com         'data reduction'  
http://www.hkl-xray.com/                     ?          ? 
2 SCALEPACK   .        ?                package 'Zbyszek Otwinowski' hkl@hkl-xray.com         'data scaling'    
http://www.hkl-xray.com/                     ?          ? 
3 REFMAC      5.7.0029 ?                program 'Garib N. Murshudov' garib@ysbl.york.ac.uk    refinement        
http://www.ccp4.ac.uk/dist/html/refmac5.html Fortran_77 ? 
4 PDB_EXTRACT 3.11     'April 22, 2011' package PDB                  deposit@deposit.rcsb.org 'data extraction' 
http://sw-tools.pdb.org/apps/PDB_EXTRACT/    C++        ? 
5 SBC-Collect .        ?                ?       ?                    ?                        'data collection' ? ?          ? 
6 HKL-3000    .        ?                ?       ?                    ?                        'data reduction'  ? ?          ? 
7 HKL-3000    .        ?                ?       ?                    ?                        'data scaling'    ? ?          ? 
8 MOLREP      .        ?                ?       ?                    ?                        phasing           ? ?          ? 
9 HKL-3000    .        ?                ?       ?                    ?                        phasing           ? ?          ? 
# 
loop_
_pdbx_unobs_or_zero_occ_residues.id 
_pdbx_unobs_or_zero_occ_residues.PDB_model_num 
_pdbx_unobs_or_zero_occ_residues.polymer_flag 
_pdbx_unobs_or_zero_occ_residues.occupancy_flag 
_pdbx_unobs_or_zero_occ_residues.auth_asym_id 
_pdbx_unobs_or_zero_occ_residues.auth_comp_id 
_pdbx_unobs_or_zero_occ_residues.auth_seq_id 
_pdbx_unobs_or_zero_occ_residues.PDB_ins_code 
_pdbx_unobs_or_zero_occ_residues.label_asym_id 
_pdbx_unobs_or_zero_occ_residues.label_comp_id 
_pdbx_unobs_or_zero_occ_residues.label_seq_id 
1 1 Y 1 A SER -2 ? A SER 1  
2 1 Y 1 A ASN -1 ? A ASN 2  
3 1 Y 1 A ALA 0  ? A ALA 3  
4 1 Y 1 A MET 1  ? A MET 4  
5 1 Y 1 A ALA 2  ? A ALA 5  
6 1 Y 1 A ARG 88 ? A ARG 91 
7 1 Y 1 A ASP 89 ? A ASP 92 
8 1 Y 1 A LYS 90 ? A LYS 93 
# 
loop_
_chem_comp_atom.comp_id 
_chem_comp_atom.atom_id 
_chem_comp_atom.type_symbol 
_chem_comp_atom.pdbx_aromatic_flag 
_chem_comp_atom.pdbx_stereo_config 
_chem_comp_atom.pdbx_ordinal 
ALA N    N N N 1   
ALA CA   C N S 2   
ALA C    C N N 3   
ALA O    O N N 4   
ALA CB   C N N 5   
ALA OXT  O N N 6   
ALA H    H N N 7   
ALA H2   H N N 8   
ALA HA   H N N 9   
ALA HB1  H N N 10  
ALA HB2  H N N 11  
ALA HB3  H N N 12  
ALA HXT  H N N 13  
ARG N    N N N 14  
ARG CA   C N S 15  
ARG C    C N N 16  
ARG O    O N N 17  
ARG CB   C N N 18  
ARG CG   C N N 19  
ARG CD   C N N 20  
ARG NE   N N N 21  
ARG CZ   C N N 22  
ARG NH1  N N N 23  
ARG NH2  N N N 24  
ARG OXT  O N N 25  
ARG H    H N N 26  
ARG H2   H N N 27  
ARG HA   H N N 28  
ARG HB2  H N N 29  
ARG HB3  H N N 30  
ARG HG2  H N N 31  
ARG HG3  H N N 32  
ARG HD2  H N N 33  
ARG HD3  H N N 34  
ARG HE   H N N 35  
ARG HH11 H N N 36  
ARG HH12 H N N 37  
ARG HH21 H N N 38  
ARG HH22 H N N 39  
ARG HXT  H N N 40  
ASN N    N N N 41  
ASN CA   C N S 42  
ASN C    C N N 43  
ASN O    O N N 44  
ASN CB   C N N 45  
ASN CG   C N N 46  
ASN OD1  O N N 47  
ASN ND2  N N N 48  
ASN OXT  O N N 49  
ASN H    H N N 50  
ASN H2   H N N 51  
ASN HA   H N N 52  
ASN HB2  H N N 53  
ASN HB3  H N N 54  
ASN HD21 H N N 55  
ASN HD22 H N N 56  
ASN HXT  H N N 57  
ASP N    N N N 58  
ASP CA   C N S 59  
ASP C    C N N 60  
ASP O    O N N 61  
ASP CB   C N N 62  
ASP CG   C N N 63  
ASP OD1  O N N 64  
ASP OD2  O N N 65  
ASP OXT  O N N 66  
ASP H    H N N 67  
ASP H2   H N N 68  
ASP HA   H N N 69  
ASP HB2  H N N 70  
ASP HB3  H N N 71  
ASP HD2  H N N 72  
ASP HXT  H N N 73  
GLN N    N N N 74  
GLN CA   C N S 75  
GLN C    C N N 76  
GLN O    O N N 77  
GLN CB   C N N 78  
GLN CG   C N N 79  
GLN CD   C N N 80  
GLN OE1  O N N 81  
GLN NE2  N N N 82  
GLN OXT  O N N 83  
GLN H    H N N 84  
GLN H2   H N N 85  
GLN HA   H N N 86  
GLN HB2  H N N 87  
GLN HB3  H N N 88  
GLN HG2  H N N 89  
GLN HG3  H N N 90  
GLN HE21 H N N 91  
GLN HE22 H N N 92  
GLN HXT  H N N 93  
GLU N    N N N 94  
GLU CA   C N S 95  
GLU C    C N N 96  
GLU O    O N N 97  
GLU CB   C N N 98  
GLU CG   C N N 99  
GLU CD   C N N 100 
GLU OE1  O N N 101 
GLU OE2  O N N 102 
GLU OXT  O N N 103 
GLU H    H N N 104 
GLU H2   H N N 105 
GLU HA   H N N 106 
GLU HB2  H N N 107 
GLU HB3  H N N 108 
GLU HG2  H N N 109 
GLU HG3  H N N 110 
GLU HE2  H N N 111 
GLU HXT  H N N 112 
GLY N    N N N 113 
GLY CA   C N N 114 
GLY C    C N N 115 
GLY O    O N N 116 
GLY OXT  O N N 117 
GLY H    H N N 118 
GLY H2   H N N 119 
GLY HA2  H N N 120 
GLY HA3  H N N 121 
GLY HXT  H N N 122 
HIS N    N N N 123 
HIS CA   C N S 124 
HIS C    C N N 125 
HIS O    O N N 126 
HIS CB   C N N 127 
HIS CG   C Y N 128 
HIS ND1  N Y N 129 
HIS CD2  C Y N 130 
HIS CE1  C Y N 131 
HIS NE2  N Y N 132 
HIS OXT  O N N 133 
HIS H    H N N 134 
HIS H2   H N N 135 
HIS HA   H N N 136 
HIS HB2  H N N 137 
HIS HB3  H N N 138 
HIS HD1  H N N 139 
HIS HD2  H N N 140 
HIS HE1  H N N 141 
HIS HE2  H N N 142 
HIS HXT  H N N 143 
HOH O    O N N 144 
HOH H1   H N N 145 
HOH H2   H N N 146 
ILE N    N N N 147 
ILE CA   C N S 148 
ILE C    C N N 149 
ILE O    O N N 150 
ILE CB   C N S 151 
ILE CG1  C N N 152 
ILE CG2  C N N 153 
ILE CD1  C N N 154 
ILE OXT  O N N 155 
ILE H    H N N 156 
ILE H2   H N N 157 
ILE HA   H N N 158 
ILE HB   H N N 159 
ILE HG12 H N N 160 
ILE HG13 H N N 161 
ILE HG21 H N N 162 
ILE HG22 H N N 163 
ILE HG23 H N N 164 
ILE HD11 H N N 165 
ILE HD12 H N N 166 
ILE HD13 H N N 167 
ILE HXT  H N N 168 
LEU N    N N N 169 
LEU CA   C N S 170 
LEU C    C N N 171 
LEU O    O N N 172 
LEU CB   C N N 173 
LEU CG   C N N 174 
LEU CD1  C N N 175 
LEU CD2  C N N 176 
LEU OXT  O N N 177 
LEU H    H N N 178 
LEU H2   H N N 179 
LEU HA   H N N 180 
LEU HB2  H N N 181 
LEU HB3  H N N 182 
LEU HG   H N N 183 
LEU HD11 H N N 184 
LEU HD12 H N N 185 
LEU HD13 H N N 186 
LEU HD21 H N N 187 
LEU HD22 H N N 188 
LEU HD23 H N N 189 
LEU HXT  H N N 190 
LYS N    N N N 191 
LYS CA   C N S 192 
LYS C    C N N 193 
LYS O    O N N 194 
LYS CB   C N N 195 
LYS CG   C N N 196 
LYS CD   C N N 197 
LYS CE   C N N 198 
LYS NZ   N N N 199 
LYS OXT  O N N 200 
LYS H    H N N 201 
LYS H2   H N N 202 
LYS HA   H N N 203 
LYS HB2  H N N 204 
LYS HB3  H N N 205 
LYS HG2  H N N 206 
LYS HG3  H N N 207 
LYS HD2  H N N 208 
LYS HD3  H N N 209 
LYS HE2  H N N 210 
LYS HE3  H N N 211 
LYS HZ1  H N N 212 
LYS HZ2  H N N 213 
LYS HZ3  H N N 214 
LYS HXT  H N N 215 
MET N    N N N 216 
MET CA   C N S 217 
MET C    C N N 218 
MET O    O N N 219 
MET CB   C N N 220 
MET CG   C N N 221 
MET SD   S N N 222 
MET CE   C N N 223 
MET OXT  O N N 224 
MET H    H N N 225 
MET H2   H N N 226 
MET HA   H N N 227 
MET HB2  H N N 228 
MET HB3  H N N 229 
MET HG2  H N N 230 
MET HG3  H N N 231 
MET HE1  H N N 232 
MET HE2  H N N 233 
MET HE3  H N N 234 
MET HXT  H N N 235 
PHE N    N N N 236 
PHE CA   C N S 237 
PHE C    C N N 238 
PHE O    O N N 239 
PHE CB   C N N 240 
PHE CG   C Y N 241 
PHE CD1  C Y N 242 
PHE CD2  C Y N 243 
PHE CE1  C Y N 244 
PHE CE2  C Y N 245 
PHE CZ   C Y N 246 
PHE OXT  O N N 247 
PHE H    H N N 248 
PHE H2   H N N 249 
PHE HA   H N N 250 
PHE HB2  H N N 251 
PHE HB3  H N N 252 
PHE HD1  H N N 253 
PHE HD2  H N N 254 
PHE HE1  H N N 255 
PHE HE2  H N N 256 
PHE HZ   H N N 257 
PHE HXT  H N N 258 
PRO N    N N N 259 
PRO CA   C N S 260 
PRO C    C N N 261 
PRO O    O N N 262 
PRO CB   C N N 263 
PRO CG   C N N 264 
PRO CD   C N N 265 
PRO OXT  O N N 266 
PRO H    H N N 267 
PRO HA   H N N 268 
PRO HB2  H N N 269 
PRO HB3  H N N 270 
PRO HG2  H N N 271 
PRO HG3  H N N 272 
PRO HD2  H N N 273 
PRO HD3  H N N 274 
PRO HXT  H N N 275 
SER N    N N N 276 
SER CA   C N S 277 
SER C    C N N 278 
SER O    O N N 279 
SER CB   C N N 280 
SER OG   O N N 281 
SER OXT  O N N 282 
SER H    H N N 283 
SER H2   H N N 284 
SER HA   H N N 285 
SER HB2  H N N 286 
SER HB3  H N N 287 
SER HG   H N N 288 
SER HXT  H N N 289 
THR N    N N N 290 
THR CA   C N S 291 
THR C    C N N 292 
THR O    O N N 293 
THR CB   C N R 294 
THR OG1  O N N 295 
THR CG2  C N N 296 
THR OXT  O N N 297 
THR H    H N N 298 
THR H2   H N N 299 
THR HA   H N N 300 
THR HB   H N N 301 
THR HG1  H N N 302 
THR HG21 H N N 303 
THR HG22 H N N 304 
THR HG23 H N N 305 
THR HXT  H N N 306 
TYR N    N N N 307 
TYR CA   C N S 308 
TYR C    C N N 309 
TYR O    O N N 310 
TYR CB   C N N 311 
TYR CG   C Y N 312 
TYR CD1  C Y N 313 
TYR CD2  C Y N 314 
TYR CE1  C Y N 315 
TYR CE2  C Y N 316 
TYR CZ   C Y N 317 
TYR OH   O N N 318 
TYR OXT  O N N 319 
TYR H    H N N 320 
TYR H2   H N N 321 
TYR HA   H N N 322 
TYR HB2  H N N 323 
TYR HB3  H N N 324 
TYR HD1  H N N 325 
TYR HD2  H N N 326 
TYR HE1  H N N 327 
TYR HE2  H N N 328 
TYR HH   H N N 329 
TYR HXT  H N N 330 
VAL N    N N N 331 
VAL CA   C N S 332 
VAL C    C N N 333 
VAL O    O N N 334 
VAL CB   C N N 335 
VAL CG1  C N N 336 
VAL CG2  C N N 337 
VAL OXT  O N N 338 
VAL H    H N N 339 
VAL H2   H N N 340 
VAL HA   H N N 341 
VAL HB   H N N 342 
VAL HG11 H N N 343 
VAL HG12 H N N 344 
VAL HG13 H N N 345 
VAL HG21 H N N 346 
VAL HG22 H N N 347 
VAL HG23 H N N 348 
VAL HXT  H N N 349 
# 
loop_
_chem_comp_bond.comp_id 
_chem_comp_bond.atom_id_1 
_chem_comp_bond.atom_id_2 
_chem_comp_bond.value_order 
_chem_comp_bond.pdbx_aromatic_flag 
_chem_comp_bond.pdbx_stereo_config 
_chem_comp_bond.pdbx_ordinal 
ALA N   CA   sing N N 1   
ALA N   H    sing N N 2   
ALA N   H2   sing N N 3   
ALA CA  C    sing N N 4   
ALA CA  CB   sing N N 5   
ALA CA  HA   sing N N 6   
ALA C   O    doub N N 7   
ALA C   OXT  sing N N 8   
ALA CB  HB1  sing N N 9   
ALA CB  HB2  sing N N 10  
ALA CB  HB3  sing N N 11  
ALA OXT HXT  sing N N 12  
ARG N   CA   sing N N 13  
ARG N   H    sing N N 14  
ARG N   H2   sing N N 15  
ARG CA  C    sing N N 16  
ARG CA  CB   sing N N 17  
ARG CA  HA   sing N N 18  
ARG C   O    doub N N 19  
ARG C   OXT  sing N N 20  
ARG CB  CG   sing N N 21  
ARG CB  HB2  sing N N 22  
ARG CB  HB3  sing N N 23  
ARG CG  CD   sing N N 24  
ARG CG  HG2  sing N N 25  
ARG CG  HG3  sing N N 26  
ARG CD  NE   sing N N 27  
ARG CD  HD2  sing N N 28  
ARG CD  HD3  sing N N 29  
ARG NE  CZ   sing N N 30  
ARG NE  HE   sing N N 31  
ARG CZ  NH1  sing N N 32  
ARG CZ  NH2  doub N N 33  
ARG NH1 HH11 sing N N 34  
ARG NH1 HH12 sing N N 35  
ARG NH2 HH21 sing N N 36  
ARG NH2 HH22 sing N N 37  
ARG OXT HXT  sing N N 38  
ASN N   CA   sing N N 39  
ASN N   H    sing N N 40  
ASN N   H2   sing N N 41  
ASN CA  C    sing N N 42  
ASN CA  CB   sing N N 43  
ASN CA  HA   sing N N 44  
ASN C   O    doub N N 45  
ASN C   OXT  sing N N 46  
ASN CB  CG   sing N N 47  
ASN CB  HB2  sing N N 48  
ASN CB  HB3  sing N N 49  
ASN CG  OD1  doub N N 50  
ASN CG  ND2  sing N N 51  
ASN ND2 HD21 sing N N 52  
ASN ND2 HD22 sing N N 53  
ASN OXT HXT  sing N N 54  
ASP N   CA   sing N N 55  
ASP N   H    sing N N 56  
ASP N   H2   sing N N 57  
ASP CA  C    sing N N 58  
ASP CA  CB   sing N N 59  
ASP CA  HA   sing N N 60  
ASP C   O    doub N N 61  
ASP C   OXT  sing N N 62  
ASP CB  CG   sing N N 63  
ASP CB  HB2  sing N N 64  
ASP CB  HB3  sing N N 65  
ASP CG  OD1  doub N N 66  
ASP CG  OD2  sing N N 67  
ASP OD2 HD2  sing N N 68  
ASP OXT HXT  sing N N 69  
GLN N   CA   sing N N 70  
GLN N   H    sing N N 71  
GLN N   H2   sing N N 72  
GLN CA  C    sing N N 73  
GLN CA  CB   sing N N 74  
GLN CA  HA   sing N N 75  
GLN C   O    doub N N 76  
GLN C   OXT  sing N N 77  
GLN CB  CG   sing N N 78  
GLN CB  HB2  sing N N 79  
GLN CB  HB3  sing N N 80  
GLN CG  CD   sing N N 81  
GLN CG  HG2  sing N N 82  
GLN CG  HG3  sing N N 83  
GLN CD  OE1  doub N N 84  
GLN CD  NE2  sing N N 85  
GLN NE2 HE21 sing N N 86  
GLN NE2 HE22 sing N N 87  
GLN OXT HXT  sing N N 88  
GLU N   CA   sing N N 89  
GLU N   H    sing N N 90  
GLU N   H2   sing N N 91  
GLU CA  C    sing N N 92  
GLU CA  CB   sing N N 93  
GLU CA  HA   sing N N 94  
GLU C   O    doub N N 95  
GLU C   OXT  sing N N 96  
GLU CB  CG   sing N N 97  
GLU CB  HB2  sing N N 98  
GLU CB  HB3  sing N N 99  
GLU CG  CD   sing N N 100 
GLU CG  HG2  sing N N 101 
GLU CG  HG3  sing N N 102 
GLU CD  OE1  doub N N 103 
GLU CD  OE2  sing N N 104 
GLU OE2 HE2  sing N N 105 
GLU OXT HXT  sing N N 106 
GLY N   CA   sing N N 107 
GLY N   H    sing N N 108 
GLY N   H2   sing N N 109 
GLY CA  C    sing N N 110 
GLY CA  HA2  sing N N 111 
GLY CA  HA3  sing N N 112 
GLY C   O    doub N N 113 
GLY C   OXT  sing N N 114 
GLY OXT HXT  sing N N 115 
HIS N   CA   sing N N 116 
HIS N   H    sing N N 117 
HIS N   H2   sing N N 118 
HIS CA  C    sing N N 119 
HIS CA  CB   sing N N 120 
HIS CA  HA   sing N N 121 
HIS C   O    doub N N 122 
HIS C   OXT  sing N N 123 
HIS CB  CG   sing N N 124 
HIS CB  HB2  sing N N 125 
HIS CB  HB3  sing N N 126 
HIS CG  ND1  sing Y N 127 
HIS CG  CD2  doub Y N 128 
HIS ND1 CE1  doub Y N 129 
HIS ND1 HD1  sing N N 130 
HIS CD2 NE2  sing Y N 131 
HIS CD2 HD2  sing N N 132 
HIS CE1 NE2  sing Y N 133 
HIS CE1 HE1  sing N N 134 
HIS NE2 HE2  sing N N 135 
HIS OXT HXT  sing N N 136 
HOH O   H1   sing N N 137 
HOH O   H2   sing N N 138 
ILE N   CA   sing N N 139 
ILE N   H    sing N N 140 
ILE N   H2   sing N N 141 
ILE CA  C    sing N N 142 
ILE CA  CB   sing N N 143 
ILE CA  HA   sing N N 144 
ILE C   O    doub N N 145 
ILE C   OXT  sing N N 146 
ILE CB  CG1  sing N N 147 
ILE CB  CG2  sing N N 148 
ILE CB  HB   sing N N 149 
ILE CG1 CD1  sing N N 150 
ILE CG1 HG12 sing N N 151 
ILE CG1 HG13 sing N N 152 
ILE CG2 HG21 sing N N 153 
ILE CG2 HG22 sing N N 154 
ILE CG2 HG23 sing N N 155 
ILE CD1 HD11 sing N N 156 
ILE CD1 HD12 sing N N 157 
ILE CD1 HD13 sing N N 158 
ILE OXT HXT  sing N N 159 
LEU N   CA   sing N N 160 
LEU N   H    sing N N 161 
LEU N   H2   sing N N 162 
LEU CA  C    sing N N 163 
LEU CA  CB   sing N N 164 
LEU CA  HA   sing N N 165 
LEU C   O    doub N N 166 
LEU C   OXT  sing N N 167 
LEU CB  CG   sing N N 168 
LEU CB  HB2  sing N N 169 
LEU CB  HB3  sing N N 170 
LEU CG  CD1  sing N N 171 
LEU CG  CD2  sing N N 172 
LEU CG  HG   sing N N 173 
LEU CD1 HD11 sing N N 174 
LEU CD1 HD12 sing N N 175 
LEU CD1 HD13 sing N N 176 
LEU CD2 HD21 sing N N 177 
LEU CD2 HD22 sing N N 178 
LEU CD2 HD23 sing N N 179 
LEU OXT HXT  sing N N 180 
LYS N   CA   sing N N 181 
LYS N   H    sing N N 182 
LYS N   H2   sing N N 183 
LYS CA  C    sing N N 184 
LYS CA  CB   sing N N 185 
LYS CA  HA   sing N N 186 
LYS C   O    doub N N 187 
LYS C   OXT  sing N N 188 
LYS CB  CG   sing N N 189 
LYS CB  HB2  sing N N 190 
LYS CB  HB3  sing N N 191 
LYS CG  CD   sing N N 192 
LYS CG  HG2  sing N N 193 
LYS CG  HG3  sing N N 194 
LYS CD  CE   sing N N 195 
LYS CD  HD2  sing N N 196 
LYS CD  HD3  sing N N 197 
LYS CE  NZ   sing N N 198 
LYS CE  HE2  sing N N 199 
LYS CE  HE3  sing N N 200 
LYS NZ  HZ1  sing N N 201 
LYS NZ  HZ2  sing N N 202 
LYS NZ  HZ3  sing N N 203 
LYS OXT HXT  sing N N 204 
MET N   CA   sing N N 205 
MET N   H    sing N N 206 
MET N   H2   sing N N 207 
MET CA  C    sing N N 208 
MET CA  CB   sing N N 209 
MET CA  HA   sing N N 210 
MET C   O    doub N N 211 
MET C   OXT  sing N N 212 
MET CB  CG   sing N N 213 
MET CB  HB2  sing N N 214 
MET CB  HB3  sing N N 215 
MET CG  SD   sing N N 216 
MET CG  HG2  sing N N 217 
MET CG  HG3  sing N N 218 
MET SD  CE   sing N N 219 
MET CE  HE1  sing N N 220 
MET CE  HE2  sing N N 221 
MET CE  HE3  sing N N 222 
MET OXT HXT  sing N N 223 
PHE N   CA   sing N N 224 
PHE N   H    sing N N 225 
PHE N   H2   sing N N 226 
PHE CA  C    sing N N 227 
PHE CA  CB   sing N N 228 
PHE CA  HA   sing N N 229 
PHE C   O    doub N N 230 
PHE C   OXT  sing N N 231 
PHE CB  CG   sing N N 232 
PHE CB  HB2  sing N N 233 
PHE CB  HB3  sing N N 234 
PHE CG  CD1  doub Y N 235 
PHE CG  CD2  sing Y N 236 
PHE CD1 CE1  sing Y N 237 
PHE CD1 HD1  sing N N 238 
PHE CD2 CE2  doub Y N 239 
PHE CD2 HD2  sing N N 240 
PHE CE1 CZ   doub Y N 241 
PHE CE1 HE1  sing N N 242 
PHE CE2 CZ   sing Y N 243 
PHE CE2 HE2  sing N N 244 
PHE CZ  HZ   sing N N 245 
PHE OXT HXT  sing N N 246 
PRO N   CA   sing N N 247 
PRO N   CD   sing N N 248 
PRO N   H    sing N N 249 
PRO CA  C    sing N N 250 
PRO CA  CB   sing N N 251 
PRO CA  HA   sing N N 252 
PRO C   O    doub N N 253 
PRO C   OXT  sing N N 254 
PRO CB  CG   sing N N 255 
PRO CB  HB2  sing N N 256 
PRO CB  HB3  sing N N 257 
PRO CG  CD   sing N N 258 
PRO CG  HG2  sing N N 259 
PRO CG  HG3  sing N N 260 
PRO CD  HD2  sing N N 261 
PRO CD  HD3  sing N N 262 
PRO OXT HXT  sing N N 263 
SER N   CA   sing N N 264 
SER N   H    sing N N 265 
SER N   H2   sing N N 266 
SER CA  C    sing N N 267 
SER CA  CB   sing N N 268 
SER CA  HA   sing N N 269 
SER C   O    doub N N 270 
SER C   OXT  sing N N 271 
SER CB  OG   sing N N 272 
SER CB  HB2  sing N N 273 
SER CB  HB3  sing N N 274 
SER OG  HG   sing N N 275 
SER OXT HXT  sing N N 276 
THR N   CA   sing N N 277 
THR N   H    sing N N 278 
THR N   H2   sing N N 279 
THR CA  C    sing N N 280 
THR CA  CB   sing N N 281 
THR CA  HA   sing N N 282 
THR C   O    doub N N 283 
THR C   OXT  sing N N 284 
THR CB  OG1  sing N N 285 
THR CB  CG2  sing N N 286 
THR CB  HB   sing N N 287 
THR OG1 HG1  sing N N 288 
THR CG2 HG21 sing N N 289 
THR CG2 HG22 sing N N 290 
THR CG2 HG23 sing N N 291 
THR OXT HXT  sing N N 292 
TYR N   CA   sing N N 293 
TYR N   H    sing N N 294 
TYR N   H2   sing N N 295 
TYR CA  C    sing N N 296 
TYR CA  CB   sing N N 297 
TYR CA  HA   sing N N 298 
TYR C   O    doub N N 299 
TYR C   OXT  sing N N 300 
TYR CB  CG   sing N N 301 
TYR CB  HB2  sing N N 302 
TYR CB  HB3  sing N N 303 
TYR CG  CD1  doub Y N 304 
TYR CG  CD2  sing Y N 305 
TYR CD1 CE1  sing Y N 306 
TYR CD1 HD1  sing N N 307 
TYR CD2 CE2  doub Y N 308 
TYR CD2 HD2  sing N N 309 
TYR CE1 CZ   doub Y N 310 
TYR CE1 HE1  sing N N 311 
TYR CE2 CZ   sing Y N 312 
TYR CE2 HE2  sing N N 313 
TYR CZ  OH   sing N N 314 
TYR OH  HH   sing N N 315 
TYR OXT HXT  sing N N 316 
VAL N   CA   sing N N 317 
VAL N   H    sing N N 318 
VAL N   H2   sing N N 319 
VAL CA  C    sing N N 320 
VAL CA  CB   sing N N 321 
VAL CA  HA   sing N N 322 
VAL C   O    doub N N 323 
VAL C   OXT  sing N N 324 
VAL CB  CG1  sing N N 325 
VAL CB  CG2  sing N N 326 
VAL CB  HB   sing N N 327 
VAL CG1 HG11 sing N N 328 
VAL CG1 HG12 sing N N 329 
VAL CG1 HG13 sing N N 330 
VAL CG2 HG21 sing N N 331 
VAL CG2 HG22 sing N N 332 
VAL CG2 HG23 sing N N 333 
VAL OXT HXT  sing N N 334 
# 
_pdbx_entity_nonpoly.entity_id   2 
_pdbx_entity_nonpoly.name        water 
_pdbx_entity_nonpoly.comp_id     HOH 
# 
_pdbx_initial_refinement_model.id               1 
_pdbx_initial_refinement_model.entity_id_list   ? 
_pdbx_initial_refinement_model.type             'experimental model' 
_pdbx_initial_refinement_model.source_name      PDB 
_pdbx_initial_refinement_model.accession_code   2Y0Y 
_pdbx_initial_refinement_model.details          'PDB ENTRY 2Y0Y' 
# 
